data_6WC0
#
_entry.id   6WC0
#
_cell.length_a   81.635
_cell.length_b   111.143
_cell.length_c   177.615
_cell.angle_alpha   90.000
_cell.angle_beta   90.000
_cell.angle_gamma   90.000
#
_symmetry.space_group_name_H-M   'P 21 21 21'
#
loop_
_entity.id
_entity.type
_entity.pdbx_description
1 polymer 'CRISPR-associated endonuclease, Csn1 family'
2 polymer 'sgRNA (95-MER)'
3 polymer 'DNA (30-MER)'
4 polymer "DNA (5'-D(*AP*TP*AP*CP*TP*TP*GP*GP*CP*G)-3')"
#
loop_
_entity_poly.entity_id
_entity_poly.type
_entity_poly.pdbx_seq_one_letter_code
_entity_poly.pdbx_strand_id
1 'polypeptide(L)'
;MGGSEVGTVPVTWRLGVDVGERSIGLAAVSYEEDKPKEILAAVSWIHDGGVGDERSGASRLALRGMARRARRLRRFRRAR
LRDLDMLLSELGWTPLPDKNVSPVDAWLARKRLAEEYVVDETERRRLLGYAVSHMARHRGWRNPWTTIKDLKNLPQPSDS
WERTRESLEARYSVSLEPGTVGQWAGYLLQRAPGIRLNPTQQSAGRRAELSNATAFETRLRQEDVLWELRCIADVQGLPE
DVVSNVIDAVFCQKRPSVPAERIGRDPLDPSQLRASRACLEFQEYRIVAAVANLRIRDGSGSRPLSLEERNAVIEALLAQ
TERSLTWSDIALEILKLPNESDLTSVPEEDGPSSLAYSQFAPFDETSARIAEFIAKNRRKIPTFAQWWQEQDRTSRSDLV
AALADNSIAGEEEQELLVHLPDAELEALEGLALPSGRVAYSRLTLSGLTRVMRDDGVDVHNARKTCFGVDDNWRPPLPAL
HEATGHPVVDRNLAILRKFLSSATMRWGPPQSIVVELGGGSAGGYAAVALRDRLLSYGEKNGVAQVAVFRGGVTAEARRW
LDISIERLFSRVAIFAQSTSTKRLDRRHHAVDAVVLTTLTPGVAKTLADARSRRVSAEFWRRPSDVNRHSTEEPQSPAYR
QWKESCSGLGDLLISTAARDSIAVAAPLRLRPTGALHEETLRAFSEHTVGAAWKGAELRRIVEPEVYAAFLALTDPGGRF
LKVSPSEDVLPADENRHIVLSDRVLGPRDRVKLFPDDRGSIRVRGGAAYIASFHHARVFRWGSSHSPSFALLRVSLADLA
VAGLLRDGVDVFTAELPPWTPAWRYASIALVKAVESGDAKQVGWLVPGDELDFGPEGVTTAAGDLSMFLKYFPERHWVVT
GFEDDKRINLKPAFLSAEQAEVLRTERSDRPDTLTEAGEILAQFFPRCWRATVAKVLCHPGLTVIRRTALGQPRWRRGHL
PYSWRPWSADPWSGGTPHHHHHH
;
A
2 'polyribonucleotide'
;(GTP)GAUGGCAAGAUCCUGGUAUGCUGGGGAGCCUGAAAAGGCUACCUAGCAAGACCCCUUCGUGGGGUCGCAUUCUUC
ACCCCCAGCAGGGGGUUC
;
B
3 'polydeoxyribonucleotide'
;(DC)(DG)(DC)(DC)(DA)(DG)(DA)(DT)(DA)(DT)(DA)(DT)(DA)(DC)(DC)(DA)(DG)(DG)(DA)(DT)
(DC)(DT)(DT)(DG)(DC)(DC)(DA)(DT)(DC)(DC)
;
C
4 'polydeoxyribonucleotide' (DA)(DT)(DA)(DT)(DC)(DT)(DG)(DG)(DC)(DG) D
#
# COMPACT_ATOMS: atom_id res chain seq x y z
N GLY A 7 32.94 7.83 19.60
CA GLY A 7 31.96 7.11 20.39
C GLY A 7 31.71 5.70 19.89
N THR A 8 32.57 5.25 18.99
CA THR A 8 32.42 3.96 18.31
C THR A 8 33.58 3.05 18.70
N VAL A 9 33.26 1.82 19.10
CA VAL A 9 34.26 0.79 19.36
C VAL A 9 34.53 0.06 18.04
N PRO A 10 35.69 0.28 17.40
CA PRO A 10 35.96 -0.33 16.09
C PRO A 10 36.33 -1.81 16.21
N VAL A 11 35.58 -2.66 15.50
CA VAL A 11 35.86 -4.09 15.43
C VAL A 11 35.57 -4.56 14.00
N THR A 12 36.32 -5.58 13.56
CA THR A 12 36.14 -6.19 12.24
C THR A 12 34.91 -7.07 12.28
N TRP A 13 33.86 -6.69 11.55
CA TRP A 13 32.62 -7.47 11.55
C TRP A 13 31.99 -7.42 10.16
N ARG A 14 31.05 -8.33 9.95
CA ARG A 14 30.35 -8.46 8.67
C ARG A 14 28.85 -8.55 8.93
N LEU A 15 28.06 -7.97 8.03
CA LEU A 15 26.62 -7.91 8.19
C LEU A 15 25.95 -9.00 7.38
N GLY A 16 24.97 -9.66 8.00
CA GLY A 16 24.23 -10.72 7.35
C GLY A 16 22.76 -10.39 7.39
N VAL A 17 22.08 -10.54 6.25
CA VAL A 17 20.68 -10.18 6.12
C VAL A 17 19.95 -11.34 5.47
N ASP A 18 18.88 -11.81 6.11
CA ASP A 18 18.03 -12.85 5.55
C ASP A 18 16.63 -12.29 5.41
N VAL A 19 16.26 -11.89 4.20
CA VAL A 19 15.02 -11.17 3.98
C VAL A 19 13.89 -12.18 3.79
N GLY A 20 12.85 -12.03 4.59
CA GLY A 20 11.66 -12.85 4.49
C GLY A 20 10.45 -12.06 3.99
N GLU A 21 9.37 -12.79 3.76
CA GLU A 21 8.13 -12.18 3.30
C GLU A 21 7.49 -11.34 4.40
N ARG A 22 7.57 -11.81 5.64
CA ARG A 22 7.01 -11.16 6.81
C ARG A 22 8.05 -11.01 7.91
N SER A 23 9.33 -11.10 7.55
CA SER A 23 10.39 -11.19 8.52
C SER A 23 11.68 -10.72 7.88
N ILE A 24 12.62 -10.32 8.73
CA ILE A 24 13.95 -9.97 8.25
C ILE A 24 14.95 -10.30 9.34
N GLY A 25 15.89 -11.20 9.03
CA GLY A 25 16.88 -11.63 9.99
C GLY A 25 18.14 -10.82 9.75
N LEU A 26 18.62 -10.18 10.81
CA LEU A 26 19.81 -9.36 10.74
C LEU A 26 20.84 -9.87 11.74
N ALA A 27 22.11 -9.79 11.37
CA ALA A 27 23.18 -10.27 12.23
C ALA A 27 24.45 -9.49 11.94
N ALA A 28 25.18 -9.19 12.99
CA ALA A 28 26.52 -8.63 12.91
C ALA A 28 27.48 -9.62 13.57
N VAL A 29 28.48 -10.08 12.83
CA VAL A 29 29.38 -11.12 13.33
C VAL A 29 30.82 -10.63 13.13
N SER A 30 31.58 -10.55 14.21
CA SER A 30 32.96 -10.08 14.16
C SER A 30 33.90 -11.21 13.77
N TYR A 31 34.88 -10.90 12.91
CA TYR A 31 35.85 -11.88 12.45
C TYR A 31 37.26 -11.49 12.84
N GLU A 32 37.91 -12.34 13.62
CA GLU A 32 39.36 -12.28 13.70
C GLU A 32 39.91 -13.05 12.51
N GLU A 33 41.07 -12.62 12.02
CA GLU A 33 41.58 -13.07 10.72
C GLU A 33 42.01 -14.53 10.80
N ASP A 34 41.27 -15.41 10.14
CA ASP A 34 40.04 -15.07 9.44
C ASP A 34 38.91 -16.04 9.80
N LYS A 35 38.37 -15.90 11.00
CA LYS A 35 37.31 -16.77 11.51
C LYS A 35 36.32 -15.94 12.30
N PRO A 36 35.10 -16.45 12.49
CA PRO A 36 34.13 -15.73 13.32
C PRO A 36 34.35 -16.04 14.80
N LYS A 37 34.45 -14.99 15.62
CA LYS A 37 34.64 -15.18 17.05
C LYS A 37 33.41 -14.85 17.89
N GLU A 38 32.83 -13.66 17.77
CA GLU A 38 31.74 -13.24 18.63
C GLU A 38 30.54 -12.81 17.80
N ILE A 39 29.36 -13.28 18.18
CA ILE A 39 28.10 -12.89 17.53
C ILE A 39 27.67 -11.57 18.17
N LEU A 40 27.94 -10.45 17.49
CA LEU A 40 27.70 -9.13 18.06
C LEU A 40 26.21 -8.86 18.21
N ALA A 41 25.44 -9.15 17.19
CA ALA A 41 24.00 -8.97 17.22
C ALA A 41 23.39 -9.95 16.23
N ALA A 42 22.18 -10.42 16.54
CA ALA A 42 21.49 -11.38 15.68
C ALA A 42 20.03 -11.39 16.09
N VAL A 43 19.20 -10.68 15.34
CA VAL A 43 17.79 -10.55 15.66
C VAL A 43 16.98 -10.64 14.38
N SER A 44 15.82 -11.26 14.46
CA SER A 44 14.90 -11.37 13.34
C SER A 44 13.67 -10.54 13.68
N TRP A 45 13.46 -9.49 12.92
CA TRP A 45 12.30 -8.62 13.09
C TRP A 45 11.11 -9.16 12.32
N ILE A 46 9.95 -9.16 12.96
CA ILE A 46 8.72 -9.67 12.36
C ILE A 46 7.86 -8.46 12.02
N HIS A 47 7.84 -8.09 10.75
CA HIS A 47 7.02 -6.98 10.34
C HIS A 47 5.72 -7.54 9.76
N ASP A 48 4.94 -6.70 9.09
CA ASP A 48 3.61 -7.06 8.62
C ASP A 48 3.54 -7.25 7.12
N GLY A 49 4.65 -7.04 6.40
CA GLY A 49 4.61 -7.05 4.96
C GLY A 49 3.84 -5.89 4.36
N GLY A 50 3.48 -4.90 5.16
CA GLY A 50 2.75 -3.75 4.66
C GLY A 50 1.27 -3.98 4.40
N VAL A 51 0.71 -5.09 4.86
CA VAL A 51 -0.71 -5.37 4.64
C VAL A 51 -1.54 -4.62 5.67
N GLY A 52 -2.62 -3.98 5.20
CA GLY A 52 -3.53 -3.28 6.08
C GLY A 52 -4.76 -4.11 6.43
N ASP A 53 -5.41 -4.70 5.44
CA ASP A 53 -6.53 -5.61 5.67
C ASP A 53 -6.03 -7.03 5.42
N GLU A 54 -5.97 -7.83 6.50
CA GLU A 54 -5.44 -9.18 6.38
C GLU A 54 -6.27 -10.01 5.41
N ARG A 55 -7.56 -9.73 5.31
CA ARG A 55 -8.41 -10.33 4.29
C ARG A 55 -8.22 -9.58 2.98
N SER A 56 -8.10 -10.32 1.87
CA SER A 56 -7.85 -9.74 0.56
C SER A 56 -6.68 -8.74 0.63
N GLY A 57 -5.49 -9.32 0.79
CA GLY A 57 -4.30 -8.61 1.25
C GLY A 57 -3.93 -7.30 0.60
N ALA A 58 -4.87 -6.35 0.55
CA ALA A 58 -4.53 -5.01 0.10
C ALA A 58 -3.63 -4.33 1.11
N SER A 59 -2.70 -3.51 0.62
CA SER A 59 -1.76 -2.82 1.50
C SER A 59 -2.39 -1.60 2.17
N ARG A 60 -1.69 -1.11 3.19
CA ARG A 60 -2.11 0.10 3.89
C ARG A 60 -2.21 1.29 2.94
N LEU A 61 -1.14 1.54 2.17
CA LEU A 61 -1.16 2.65 1.21
C LEU A 61 -2.31 2.53 0.22
N ALA A 62 -2.62 1.29 -0.19
CA ALA A 62 -3.72 1.09 -1.12
C ALA A 62 -5.03 1.53 -0.50
N LEU A 63 -5.26 1.14 0.76
CA LEU A 63 -6.47 1.53 1.45
C LEU A 63 -6.55 3.04 1.60
N ARG A 64 -5.42 3.68 1.92
CA ARG A 64 -5.38 5.14 2.01
C ARG A 64 -5.78 5.79 0.69
N GLY A 65 -5.17 5.34 -0.42
CA GLY A 65 -5.50 5.93 -1.71
C GLY A 65 -6.94 5.69 -2.12
N MET A 66 -7.47 4.49 -1.86
CA MET A 66 -8.87 4.22 -2.16
C MET A 66 -9.77 5.13 -1.33
N ALA A 67 -9.49 5.27 -0.04
CA ALA A 67 -10.26 6.19 0.79
C ALA A 67 -10.08 7.63 0.30
N ARG A 68 -8.85 7.99 -0.08
CA ARG A 68 -8.54 9.34 -0.53
C ARG A 68 -9.32 9.69 -1.79
N ARG A 69 -9.24 8.82 -2.80
CA ARG A 69 -9.96 9.08 -4.05
C ARG A 69 -11.46 8.98 -3.86
N ALA A 70 -11.93 8.14 -2.93
CA ALA A 70 -13.35 8.12 -2.60
C ALA A 70 -13.79 9.48 -2.10
N ARG A 71 -12.97 10.11 -1.25
CA ARG A 71 -13.29 11.46 -0.76
C ARG A 71 -13.41 12.45 -1.92
N ARG A 72 -12.44 12.44 -2.83
CA ARG A 72 -12.48 13.40 -3.94
C ARG A 72 -13.57 13.07 -4.94
N LEU A 73 -13.95 11.80 -5.07
CA LEU A 73 -15.08 11.45 -5.95
C LEU A 73 -16.37 12.07 -5.44
N ARG A 74 -16.67 11.88 -4.15
CA ARG A 74 -17.83 12.51 -3.55
C ARG A 74 -17.80 14.02 -3.77
N ARG A 75 -16.64 14.64 -3.55
CA ARG A 75 -16.55 16.10 -3.65
C ARG A 75 -16.71 16.57 -5.09
N PHE A 76 -16.07 15.87 -6.05
CA PHE A 76 -16.26 16.22 -7.45
C PHE A 76 -17.68 15.92 -7.91
N ARG A 77 -18.30 14.87 -7.37
CA ARG A 77 -19.68 14.56 -7.71
C ARG A 77 -20.60 15.65 -7.15
N ARG A 78 -20.38 16.05 -5.90
CA ARG A 78 -21.11 17.19 -5.34
C ARG A 78 -20.89 18.42 -6.20
N ALA A 79 -19.63 18.68 -6.57
CA ALA A 79 -19.29 19.89 -7.31
C ALA A 79 -19.97 19.93 -8.67
N ARG A 80 -19.87 18.84 -9.44
CA ARG A 80 -20.40 18.82 -10.80
C ARG A 80 -21.92 18.81 -10.80
N LEU A 81 -22.56 18.21 -9.79
CA LEU A 81 -24.02 18.23 -9.70
C LEU A 81 -24.52 19.64 -9.40
N ARG A 82 -23.79 20.39 -8.57
CA ARG A 82 -24.19 21.76 -8.30
C ARG A 82 -23.92 22.68 -9.48
N ASP A 83 -22.87 22.38 -10.27
CA ASP A 83 -22.64 23.14 -11.49
C ASP A 83 -23.77 22.92 -12.50
N LEU A 84 -24.28 21.69 -12.58
CA LEU A 84 -25.41 21.41 -13.45
C LEU A 84 -26.67 22.12 -12.98
N ASP A 85 -26.93 22.08 -11.67
CA ASP A 85 -28.08 22.79 -11.12
C ASP A 85 -28.00 24.28 -11.39
N MET A 86 -26.82 24.87 -11.24
CA MET A 86 -26.65 26.30 -11.54
C MET A 86 -26.95 26.59 -13.00
N LEU A 87 -26.53 25.70 -13.92
CA LEU A 87 -26.86 25.88 -15.33
C LEU A 87 -28.37 25.81 -15.56
N LEU A 88 -28.99 24.69 -15.17
CA LEU A 88 -30.41 24.50 -15.41
C LEU A 88 -31.27 25.46 -14.57
N SER A 89 -30.65 26.33 -13.77
CA SER A 89 -31.37 27.41 -13.13
C SER A 89 -31.89 28.41 -14.16
N GLU A 90 -30.97 29.05 -14.89
CA GLU A 90 -31.37 29.99 -15.94
C GLU A 90 -32.08 29.28 -17.09
N LEU A 91 -31.90 27.97 -17.21
CA LEU A 91 -32.65 27.18 -18.19
C LEU A 91 -34.12 27.03 -17.81
N GLY A 92 -34.48 27.25 -16.55
CA GLY A 92 -35.88 27.24 -16.17
C GLY A 92 -36.44 25.93 -15.62
N TRP A 93 -35.59 24.95 -15.34
CA TRP A 93 -36.07 23.63 -14.94
C TRP A 93 -36.04 23.43 -13.42
N THR A 94 -36.57 22.28 -12.99
CA THR A 94 -36.74 21.99 -11.57
C THR A 94 -36.33 20.57 -11.23
N PRO A 95 -35.27 20.40 -10.43
CA PRO A 95 -34.87 19.04 -10.02
C PRO A 95 -35.83 18.44 -8.99
N LEU A 96 -35.65 17.15 -8.76
CA LEU A 96 -36.40 16.39 -7.76
C LEU A 96 -36.10 16.84 -6.33
N PRO A 97 -37.09 17.32 -5.59
CA PRO A 97 -36.88 17.53 -4.15
C PRO A 97 -36.72 16.20 -3.43
N ASP A 98 -36.03 16.24 -2.28
CA ASP A 98 -35.59 15.01 -1.63
C ASP A 98 -36.73 14.35 -0.85
N LYS A 99 -37.56 15.16 -0.19
CA LYS A 99 -38.42 14.62 0.87
C LYS A 99 -39.62 13.93 0.26
N ASN A 100 -40.51 14.70 -0.37
CA ASN A 100 -41.83 14.20 -0.71
C ASN A 100 -42.02 14.34 -2.21
N VAL A 101 -41.69 13.24 -2.91
CA VAL A 101 -41.98 13.04 -4.32
C VAL A 101 -42.38 11.59 -4.49
N SER A 102 -42.77 11.26 -5.70
CA SER A 102 -43.09 9.88 -5.98
C SER A 102 -41.81 9.09 -6.24
N PRO A 103 -41.76 7.82 -5.85
CA PRO A 103 -40.55 7.02 -6.08
C PRO A 103 -40.17 6.95 -7.55
N VAL A 104 -41.12 7.14 -8.46
CA VAL A 104 -40.90 6.90 -9.88
C VAL A 104 -41.14 8.17 -10.70
N ASP A 105 -40.79 9.34 -10.15
CA ASP A 105 -40.96 10.57 -10.90
C ASP A 105 -39.97 10.68 -12.05
N ALA A 106 -38.69 10.47 -11.76
CA ALA A 106 -37.66 10.61 -12.80
C ALA A 106 -37.85 9.61 -13.93
N TRP A 107 -38.23 8.38 -13.60
CA TRP A 107 -38.38 7.33 -14.62
C TRP A 107 -39.56 7.60 -15.53
N LEU A 108 -40.72 7.92 -14.95
CA LEU A 108 -41.89 8.26 -15.74
C LEU A 108 -41.62 9.44 -16.67
N ALA A 109 -40.85 10.42 -16.21
CA ALA A 109 -40.41 11.50 -17.09
C ALA A 109 -39.63 10.96 -18.29
N ARG A 110 -38.50 10.32 -18.03
CA ARG A 110 -37.63 9.82 -19.09
C ARG A 110 -38.36 8.98 -20.13
N LYS A 111 -39.47 8.36 -19.76
CA LYS A 111 -40.25 7.55 -20.69
C LYS A 111 -41.35 8.33 -21.41
N ARG A 112 -42.00 9.28 -20.72
CA ARG A 112 -43.07 10.05 -21.34
C ARG A 112 -42.55 10.97 -22.45
N LEU A 113 -41.48 11.71 -22.16
CA LEU A 113 -40.93 12.63 -23.15
C LEU A 113 -40.48 11.90 -24.41
N ALA A 114 -40.10 10.62 -24.30
CA ALA A 114 -39.70 9.86 -25.47
C ALA A 114 -40.86 9.20 -26.20
N GLU A 115 -42.00 8.99 -25.54
CA GLU A 115 -43.18 8.42 -26.18
C GLU A 115 -44.17 9.49 -26.63
N GLU A 116 -44.53 10.43 -25.78
CA GLU A 116 -45.49 11.46 -26.14
C GLU A 116 -44.79 12.80 -26.24
N TYR A 117 -45.27 13.63 -27.17
CA TYR A 117 -44.86 15.03 -27.23
C TYR A 117 -45.86 15.82 -26.40
N VAL A 118 -45.41 16.34 -25.27
CA VAL A 118 -46.27 17.22 -24.48
C VAL A 118 -46.31 18.58 -25.15
N VAL A 119 -47.48 19.21 -25.12
CA VAL A 119 -47.70 20.44 -25.89
C VAL A 119 -47.43 21.67 -25.05
N ASP A 120 -48.04 21.75 -23.86
CA ASP A 120 -47.86 22.89 -22.98
C ASP A 120 -46.39 23.05 -22.60
N GLU A 121 -45.89 24.27 -22.75
CA GLU A 121 -44.46 24.53 -22.59
C GLU A 121 -44.07 24.61 -21.11
N THR A 122 -44.93 25.18 -20.28
CA THR A 122 -44.60 25.35 -18.86
C THR A 122 -44.54 24.00 -18.13
N GLU A 123 -45.56 23.15 -18.29
CA GLU A 123 -45.56 21.84 -17.64
C GLU A 123 -44.46 20.94 -18.19
N ARG A 124 -44.02 21.17 -19.43
CA ARG A 124 -42.87 20.45 -19.98
C ARG A 124 -41.59 20.75 -19.20
N ARG A 125 -41.39 22.00 -18.79
CA ARG A 125 -40.20 22.37 -18.03
C ARG A 125 -40.03 21.60 -16.72
N ARG A 126 -41.10 21.42 -15.94
CA ARG A 126 -40.94 20.75 -14.65
C ARG A 126 -40.50 19.28 -14.80
N LEU A 127 -41.13 18.56 -15.73
CA LEU A 127 -40.74 17.16 -15.97
C LEU A 127 -39.34 17.06 -16.55
N LEU A 128 -38.92 18.03 -17.36
CA LEU A 128 -37.54 18.07 -17.85
C LEU A 128 -36.54 18.10 -16.68
N GLY A 129 -36.80 18.92 -15.68
CA GLY A 129 -35.90 19.00 -14.53
C GLY A 129 -35.79 17.70 -13.75
N TYR A 130 -36.93 17.05 -13.48
CA TYR A 130 -36.91 15.78 -12.74
C TYR A 130 -36.03 14.74 -13.41
N ALA A 131 -36.19 14.54 -14.71
CA ALA A 131 -35.44 13.49 -15.42
C ALA A 131 -33.94 13.76 -15.43
N VAL A 132 -33.52 15.00 -15.71
CA VAL A 132 -32.10 15.31 -15.81
C VAL A 132 -31.39 15.18 -14.46
N SER A 133 -32.09 15.51 -13.36
CA SER A 133 -31.48 15.37 -12.04
C SER A 133 -31.07 13.93 -11.77
N HIS A 134 -31.97 12.97 -12.01
CA HIS A 134 -31.66 11.58 -11.74
C HIS A 134 -30.57 11.05 -12.67
N MET A 135 -30.60 11.43 -13.95
CA MET A 135 -29.56 10.95 -14.87
C MET A 135 -28.19 11.46 -14.48
N ALA A 136 -28.10 12.72 -14.02
CA ALA A 136 -26.82 13.21 -13.50
C ALA A 136 -26.40 12.46 -12.25
N ARG A 137 -27.35 12.01 -11.44
CA ARG A 137 -27.06 11.17 -10.28
C ARG A 137 -26.81 9.71 -10.65
N HIS A 138 -27.07 9.30 -11.89
CA HIS A 138 -26.88 7.91 -12.34
C HIS A 138 -26.49 7.91 -13.81
N ARG A 139 -25.31 8.46 -14.14
CA ARG A 139 -24.98 8.77 -15.52
C ARG A 139 -24.21 7.65 -16.21
N GLY A 140 -23.86 6.59 -15.48
CA GLY A 140 -23.22 5.46 -16.09
C GLY A 140 -21.73 5.63 -16.29
N TRP A 141 -21.12 4.57 -16.79
CA TRP A 141 -19.67 4.50 -16.92
C TRP A 141 -19.23 4.85 -18.34
N ARG A 142 -18.00 5.35 -18.44
CA ARG A 142 -17.35 5.52 -19.74
C ARG A 142 -15.85 5.63 -19.49
N ASN A 143 -15.08 5.46 -20.57
CA ASN A 143 -13.64 5.61 -20.48
C ASN A 143 -13.29 7.03 -20.05
N PRO A 144 -12.69 7.22 -18.87
CA PRO A 144 -12.43 8.59 -18.40
C PRO A 144 -11.47 9.36 -19.29
N TRP A 145 -10.64 8.66 -20.06
CA TRP A 145 -9.66 9.32 -20.92
C TRP A 145 -10.31 9.99 -22.11
N THR A 146 -11.49 9.54 -22.50
CA THR A 146 -12.24 10.14 -23.60
C THR A 146 -12.86 11.45 -23.15
N THR A 147 -13.36 12.19 -24.12
CA THR A 147 -14.01 13.48 -23.89
C THR A 147 -15.51 13.33 -24.17
N ILE A 148 -16.25 14.39 -23.87
CA ILE A 148 -17.70 14.35 -24.09
C ILE A 148 -18.02 14.19 -25.57
N LYS A 149 -17.33 14.94 -26.43
CA LYS A 149 -17.56 14.80 -27.87
C LYS A 149 -17.22 13.40 -28.37
N ASP A 150 -16.29 12.71 -27.70
CA ASP A 150 -15.97 11.34 -28.07
C ASP A 150 -17.10 10.39 -27.66
N LEU A 151 -17.72 10.64 -26.50
CA LEU A 151 -18.91 9.90 -26.12
C LEU A 151 -20.03 10.08 -27.13
N LYS A 152 -20.12 11.27 -27.75
CA LYS A 152 -21.13 11.53 -28.77
C LYS A 152 -20.91 10.68 -30.02
N ASN A 153 -19.66 10.33 -30.32
CA ASN A 153 -19.32 9.57 -31.53
C ASN A 153 -19.14 8.08 -31.23
N LEU A 154 -20.13 7.50 -30.57
CA LEU A 154 -20.12 6.10 -30.17
C LEU A 154 -21.41 5.43 -30.60
N PRO A 155 -21.42 4.10 -30.68
CA PRO A 155 -22.66 3.39 -31.03
C PRO A 155 -23.76 3.70 -30.02
N GLN A 156 -24.83 4.33 -30.51
CA GLN A 156 -25.93 4.79 -29.66
C GLN A 156 -27.24 4.18 -30.14
N PRO A 157 -27.77 3.15 -29.46
CA PRO A 157 -27.20 2.52 -28.26
C PRO A 157 -26.12 1.50 -28.55
N SER A 158 -25.66 0.81 -27.50
CA SER A 158 -24.59 -0.17 -27.57
C SER A 158 -25.17 -1.56 -27.85
N ASP A 159 -24.26 -2.50 -28.15
CA ASP A 159 -24.67 -3.90 -28.34
C ASP A 159 -25.04 -4.54 -27.01
N SER A 160 -24.26 -4.26 -25.95
CA SER A 160 -24.54 -4.83 -24.64
C SER A 160 -25.93 -4.44 -24.13
N TRP A 161 -26.36 -3.21 -24.39
CA TRP A 161 -27.69 -2.79 -23.96
C TRP A 161 -28.78 -3.49 -24.76
N GLU A 162 -28.58 -3.63 -26.07
CA GLU A 162 -29.51 -4.41 -26.89
C GLU A 162 -29.51 -5.87 -26.44
N ARG A 163 -28.33 -6.38 -26.06
CA ARG A 163 -28.20 -7.75 -25.58
C ARG A 163 -29.01 -7.95 -24.30
N THR A 164 -28.87 -7.02 -23.34
CA THR A 164 -29.63 -7.08 -22.10
C THR A 164 -31.13 -7.02 -22.36
N ARG A 165 -31.54 -6.16 -23.30
CA ARG A 165 -32.96 -5.99 -23.60
C ARG A 165 -33.56 -7.23 -24.23
N GLU A 166 -32.78 -7.97 -25.02
CA GLU A 166 -33.25 -9.22 -25.62
C GLU A 166 -33.47 -10.30 -24.57
N SER A 167 -32.56 -10.40 -23.59
CA SER A 167 -32.73 -11.37 -22.50
C SER A 167 -34.01 -11.14 -21.72
N LEU A 168 -34.35 -9.87 -21.46
CA LEU A 168 -35.56 -9.57 -20.70
C LEU A 168 -36.82 -9.89 -21.49
N GLU A 169 -36.79 -9.63 -22.80
CA GLU A 169 -37.93 -9.98 -23.65
C GLU A 169 -38.20 -11.48 -23.63
N ALA A 170 -37.15 -12.29 -23.59
CA ALA A 170 -37.33 -13.74 -23.63
C ALA A 170 -37.87 -14.29 -22.31
N ARG A 171 -37.53 -13.69 -21.17
CA ARG A 171 -37.99 -14.25 -19.90
C ARG A 171 -39.39 -13.79 -19.49
N TYR A 172 -39.70 -12.50 -19.65
CA TYR A 172 -41.01 -11.99 -19.25
C TYR A 172 -41.91 -11.69 -20.45
N SER A 173 -41.51 -12.08 -21.66
CA SER A 173 -42.38 -12.11 -22.84
C SER A 173 -42.94 -10.73 -23.18
N VAL A 174 -42.17 -9.66 -22.96
CA VAL A 174 -42.61 -8.31 -23.27
C VAL A 174 -41.50 -7.55 -23.97
N SER A 175 -41.84 -6.84 -25.04
CA SER A 175 -40.96 -5.94 -25.77
C SER A 175 -41.53 -4.53 -25.70
N LEU A 176 -40.68 -3.55 -25.38
CA LEU A 176 -41.09 -2.16 -25.24
C LEU A 176 -40.42 -1.30 -26.31
N GLU A 177 -41.22 -0.77 -27.23
CA GLU A 177 -40.76 0.28 -28.13
C GLU A 177 -40.37 1.52 -27.34
N PRO A 178 -39.25 2.19 -27.68
CA PRO A 178 -38.26 1.77 -28.69
C PRO A 178 -37.26 0.65 -28.33
N GLY A 179 -36.76 0.45 -27.10
CA GLY A 179 -37.04 1.26 -25.92
C GLY A 179 -35.81 1.65 -25.11
N THR A 180 -35.83 2.84 -24.54
CA THR A 180 -34.71 3.34 -23.77
C THR A 180 -34.64 2.64 -22.41
N VAL A 181 -33.60 2.92 -21.63
CA VAL A 181 -33.44 2.24 -20.35
C VAL A 181 -34.38 2.80 -19.29
N GLY A 182 -34.67 4.11 -19.33
CA GLY A 182 -35.64 4.68 -18.40
C GLY A 182 -37.02 4.05 -18.52
N GLN A 183 -37.43 3.72 -19.75
CA GLN A 183 -38.73 3.11 -19.99
C GLN A 183 -38.85 1.73 -19.37
N TRP A 184 -37.89 0.84 -19.66
CA TRP A 184 -37.92 -0.54 -19.18
C TRP A 184 -37.97 -0.64 -17.66
N ALA A 185 -37.27 0.26 -16.96
CA ALA A 185 -37.27 0.21 -15.49
C ALA A 185 -38.66 0.45 -14.91
N GLY A 186 -39.37 1.47 -15.39
CA GLY A 186 -40.68 1.77 -14.84
C GLY A 186 -41.71 0.67 -15.03
N TYR A 187 -41.57 -0.14 -16.09
CA TYR A 187 -42.49 -1.24 -16.29
C TYR A 187 -42.11 -2.48 -15.47
N LEU A 188 -40.82 -2.83 -15.43
CA LEU A 188 -40.41 -4.09 -14.81
C LEU A 188 -40.65 -4.11 -13.31
N LEU A 189 -40.70 -2.94 -12.67
CA LEU A 189 -41.08 -2.86 -11.27
C LEU A 189 -42.57 -3.07 -11.05
N GLN A 190 -43.38 -3.10 -12.11
CA GLN A 190 -44.82 -3.26 -11.96
C GLN A 190 -45.28 -4.71 -11.99
N ARG A 191 -44.95 -5.45 -13.06
CA ARG A 191 -45.47 -6.80 -13.20
C ARG A 191 -44.99 -7.73 -12.09
N ALA A 192 -43.68 -7.95 -12.02
CA ALA A 192 -43.06 -8.78 -11.00
C ALA A 192 -42.41 -7.82 -10.03
N PRO A 193 -43.15 -7.33 -9.04
CA PRO A 193 -42.62 -6.30 -8.14
C PRO A 193 -41.48 -6.85 -7.29
N GLY A 194 -40.64 -5.92 -6.83
CA GLY A 194 -39.46 -6.30 -6.09
C GLY A 194 -38.26 -6.71 -6.93
N ILE A 195 -38.28 -6.49 -8.23
CA ILE A 195 -37.14 -6.83 -9.07
C ILE A 195 -36.10 -5.73 -8.97
N ARG A 196 -34.83 -6.12 -8.88
CA ARG A 196 -33.71 -5.19 -8.74
C ARG A 196 -33.15 -4.83 -10.10
N LEU A 197 -32.93 -3.54 -10.33
CA LEU A 197 -32.46 -3.07 -11.63
C LEU A 197 -31.04 -3.56 -11.88
N ASN A 198 -30.06 -2.95 -11.21
CA ASN A 198 -28.72 -3.47 -11.47
C ASN A 198 -28.34 -4.49 -10.40
N PRO A 199 -27.61 -5.54 -10.75
CA PRO A 199 -27.34 -6.60 -9.76
C PRO A 199 -26.23 -6.20 -8.79
N THR A 200 -26.10 -7.01 -7.75
CA THR A 200 -25.09 -6.85 -6.71
C THR A 200 -25.04 -8.13 -5.89
N GLN A 201 -23.88 -8.40 -5.28
CA GLN A 201 -23.76 -9.53 -4.38
C GLN A 201 -23.09 -9.11 -3.08
N GLN A 202 -23.66 -9.59 -1.96
CA GLN A 202 -23.18 -9.30 -0.60
C GLN A 202 -23.34 -10.58 0.22
N SER A 203 -22.43 -11.52 0.01
CA SER A 203 -22.45 -12.79 0.76
C SER A 203 -21.16 -12.98 1.55
N LEU A 210 -30.29 -14.90 -3.00
CA LEU A 210 -30.54 -16.32 -2.80
C LEU A 210 -31.65 -16.85 -3.72
N SER A 211 -32.78 -16.13 -3.79
CA SER A 211 -33.94 -16.61 -4.54
C SER A 211 -34.73 -15.40 -5.02
N ASN A 212 -34.45 -14.98 -6.26
CA ASN A 212 -35.16 -13.88 -6.91
C ASN A 212 -34.69 -13.75 -8.34
N ALA A 213 -35.49 -13.05 -9.15
CA ALA A 213 -35.19 -12.77 -10.55
C ALA A 213 -34.86 -11.29 -10.68
N THR A 214 -33.69 -10.99 -11.24
CA THR A 214 -33.20 -9.63 -11.42
C THR A 214 -33.61 -9.08 -12.78
N ALA A 215 -33.35 -7.78 -12.98
CA ALA A 215 -33.78 -7.09 -14.18
C ALA A 215 -32.67 -6.77 -15.18
N PHE A 216 -31.41 -6.80 -14.79
CA PHE A 216 -30.36 -6.41 -15.72
C PHE A 216 -29.11 -7.23 -15.51
N GLU A 217 -28.32 -7.39 -16.58
CA GLU A 217 -27.05 -8.09 -16.55
C GLU A 217 -25.86 -7.16 -16.33
N THR A 218 -25.64 -6.23 -17.25
CA THR A 218 -24.44 -5.40 -17.24
C THR A 218 -24.75 -3.97 -16.80
N ARG A 219 -23.68 -3.25 -16.47
CA ARG A 219 -23.79 -1.84 -16.17
C ARG A 219 -24.20 -1.05 -17.40
N LEU A 220 -24.88 0.07 -17.17
CA LEU A 220 -25.27 0.94 -18.26
C LEU A 220 -24.13 1.90 -18.58
N ARG A 221 -23.86 2.07 -19.88
CA ARG A 221 -22.80 2.92 -20.37
C ARG A 221 -23.30 4.33 -20.61
N GLN A 222 -22.40 5.31 -20.46
CA GLN A 222 -22.78 6.70 -20.74
C GLN A 222 -23.23 6.87 -22.19
N GLU A 223 -22.74 6.03 -23.10
CA GLU A 223 -23.18 6.12 -24.49
C GLU A 223 -24.64 5.72 -24.63
N ASP A 224 -25.08 4.71 -23.89
CA ASP A 224 -26.50 4.35 -23.89
C ASP A 224 -27.35 5.44 -23.26
N VAL A 225 -26.85 6.06 -22.19
CA VAL A 225 -27.59 7.14 -21.53
C VAL A 225 -27.66 8.36 -22.42
N LEU A 226 -26.57 8.66 -23.13
CA LEU A 226 -26.58 9.77 -24.09
C LEU A 226 -27.55 9.51 -25.23
N TRP A 227 -27.72 8.24 -25.63
CA TRP A 227 -28.71 7.89 -26.63
C TRP A 227 -30.11 8.28 -26.19
N GLU A 228 -30.45 7.99 -24.93
CA GLU A 228 -31.75 8.38 -24.41
C GLU A 228 -31.87 9.90 -24.31
N LEU A 229 -30.77 10.58 -23.96
CA LEU A 229 -30.78 12.03 -23.87
C LEU A 229 -31.01 12.68 -25.22
N ARG A 230 -30.36 12.16 -26.28
CA ARG A 230 -30.52 12.73 -27.62
C ARG A 230 -31.88 12.44 -28.23
N CYS A 231 -32.46 11.26 -27.95
CA CYS A 231 -33.81 10.96 -28.42
C CYS A 231 -34.87 11.92 -27.86
N ILE A 232 -34.80 12.21 -26.57
CA ILE A 232 -35.79 13.09 -25.95
C ILE A 232 -35.69 14.52 -26.50
N ALA A 233 -34.47 14.99 -26.78
CA ALA A 233 -34.32 16.31 -27.36
C ALA A 233 -34.96 16.37 -28.74
N ASP A 234 -34.86 15.28 -29.50
CA ASP A 234 -35.53 15.20 -30.80
C ASP A 234 -37.04 15.25 -30.65
N VAL A 235 -37.61 14.34 -29.86
CA VAL A 235 -39.06 14.21 -29.75
C VAL A 235 -39.68 15.49 -29.22
N GLN A 236 -38.97 16.21 -28.36
CA GLN A 236 -39.51 17.43 -27.76
C GLN A 236 -39.08 18.70 -28.49
N GLY A 237 -38.26 18.60 -29.53
CA GLY A 237 -37.88 19.77 -30.30
C GLY A 237 -37.11 20.83 -29.54
N LEU A 238 -35.81 20.61 -29.32
CA LEU A 238 -34.99 21.53 -28.54
C LEU A 238 -33.90 22.16 -29.40
N PRO A 239 -33.68 23.48 -29.27
CA PRO A 239 -32.63 24.13 -30.06
C PRO A 239 -31.23 23.62 -29.72
N GLU A 240 -30.35 23.68 -30.72
CA GLU A 240 -28.99 23.16 -30.57
C GLU A 240 -28.23 23.84 -29.45
N ASP A 241 -28.44 25.15 -29.27
CA ASP A 241 -27.68 25.88 -28.27
C ASP A 241 -27.97 25.37 -26.86
N VAL A 242 -29.24 25.21 -26.51
CA VAL A 242 -29.60 24.74 -25.18
C VAL A 242 -29.20 23.27 -25.00
N VAL A 243 -29.39 22.44 -26.03
CA VAL A 243 -29.14 21.01 -25.87
C VAL A 243 -27.65 20.69 -25.84
N SER A 244 -26.83 21.42 -26.60
CA SER A 244 -25.39 21.17 -26.57
C SER A 244 -24.77 21.52 -25.22
N ASN A 245 -25.18 22.63 -24.60
CA ASN A 245 -24.65 22.99 -23.29
C ASN A 245 -25.07 22.00 -22.19
N VAL A 246 -26.33 21.57 -22.19
CA VAL A 246 -26.79 20.70 -21.12
C VAL A 246 -26.22 19.29 -21.24
N ILE A 247 -25.95 18.82 -22.46
CA ILE A 247 -25.28 17.54 -22.62
C ILE A 247 -23.85 17.63 -22.07
N ASP A 248 -23.13 18.69 -22.44
CA ASP A 248 -21.77 18.89 -21.97
C ASP A 248 -21.71 19.10 -20.47
N ALA A 249 -22.82 19.49 -19.85
CA ALA A 249 -22.89 19.71 -18.41
C ALA A 249 -23.19 18.44 -17.61
N VAL A 250 -24.07 17.57 -18.12
CA VAL A 250 -24.45 16.39 -17.34
C VAL A 250 -23.38 15.31 -17.45
N PHE A 251 -22.70 15.21 -18.59
CA PHE A 251 -21.61 14.25 -18.76
C PHE A 251 -20.25 14.88 -18.53
N CYS A 252 -20.20 16.01 -17.82
CA CYS A 252 -18.92 16.63 -17.54
C CYS A 252 -18.15 15.75 -16.55
N GLN A 253 -17.00 15.27 -16.97
CA GLN A 253 -16.19 14.37 -16.17
C GLN A 253 -14.76 14.88 -16.21
N LYS A 254 -14.12 14.98 -15.05
CA LYS A 254 -12.77 15.49 -15.02
C LYS A 254 -11.84 14.57 -15.79
N ARG A 255 -10.94 15.17 -16.51
CA ARG A 255 -10.11 14.33 -17.36
C ARG A 255 -8.92 13.83 -16.57
N PRO A 256 -8.66 12.53 -16.53
CA PRO A 256 -7.58 12.00 -15.68
C PRO A 256 -6.21 12.49 -16.13
N SER A 257 -5.24 12.34 -15.24
CA SER A 257 -3.94 12.98 -15.38
C SER A 257 -2.96 12.34 -14.41
N VAL A 258 -1.68 12.47 -14.73
CA VAL A 258 -0.61 12.08 -13.81
C VAL A 258 -0.19 13.29 -12.98
N PRO A 259 0.06 13.13 -11.69
CA PRO A 259 0.57 14.24 -10.88
C PRO A 259 2.04 14.51 -11.15
N ALA A 260 2.41 15.79 -11.06
CA ALA A 260 3.78 16.20 -11.33
C ALA A 260 4.78 15.61 -10.35
N GLU A 261 4.32 15.09 -9.20
CA GLU A 261 5.23 14.48 -8.24
C GLU A 261 5.59 13.04 -8.58
N ARG A 262 4.88 12.38 -9.50
CA ARG A 262 5.15 10.99 -9.82
C ARG A 262 5.94 10.80 -11.10
N ILE A 263 6.38 11.87 -11.73
CA ILE A 263 7.33 11.76 -12.82
C ILE A 263 8.71 11.87 -12.18
N GLY A 264 9.62 10.97 -12.58
CA GLY A 264 10.95 11.01 -12.04
C GLY A 264 11.64 12.34 -12.32
N ARG A 265 12.71 12.59 -11.58
CA ARG A 265 13.48 13.80 -11.78
C ARG A 265 14.64 13.50 -12.72
N ASP A 266 15.10 14.53 -13.40
CA ASP A 266 16.26 14.38 -14.23
C ASP A 266 17.48 14.31 -13.34
N PRO A 267 18.26 13.21 -13.37
CA PRO A 267 19.43 13.13 -12.47
C PRO A 267 20.46 14.21 -12.74
N LEU A 268 20.51 14.74 -13.96
CA LEU A 268 21.42 15.83 -14.30
C LEU A 268 20.85 17.19 -13.98
N ASP A 269 19.53 17.35 -14.03
CA ASP A 269 18.86 18.59 -13.69
C ASP A 269 17.61 18.26 -12.89
N PRO A 270 17.74 18.12 -11.57
CA PRO A 270 16.57 17.78 -10.75
C PRO A 270 15.50 18.85 -10.76
N SER A 271 15.77 19.98 -11.41
CA SER A 271 14.77 21.03 -11.56
C SER A 271 13.76 20.73 -12.67
N GLN A 272 14.01 19.73 -13.50
CA GLN A 272 13.15 19.41 -14.63
C GLN A 272 12.77 17.95 -14.58
N LEU A 273 11.54 17.64 -14.98
CA LEU A 273 11.06 16.26 -14.98
C LEU A 273 11.45 15.53 -16.25
N ARG A 274 11.55 14.20 -16.12
CA ARG A 274 11.83 13.33 -17.26
C ARG A 274 10.91 13.63 -18.44
N ALA A 275 11.49 13.66 -19.64
CA ALA A 275 10.74 13.94 -20.85
C ALA A 275 9.99 12.70 -21.32
N SER A 276 9.00 12.91 -22.18
CA SER A 276 8.22 11.83 -22.76
C SER A 276 9.01 11.10 -23.84
N ARG A 277 8.73 9.81 -24.00
CA ARG A 277 9.43 9.02 -25.00
C ARG A 277 9.10 9.48 -26.41
N ALA A 278 7.86 9.93 -26.65
CA ALA A 278 7.50 10.46 -27.97
C ALA A 278 8.18 11.78 -28.30
N CYS A 279 8.94 12.35 -27.36
CA CYS A 279 9.53 13.68 -27.58
C CYS A 279 10.52 13.68 -28.73
N LEU A 280 10.49 14.77 -29.50
CA LEU A 280 11.47 14.95 -30.58
C LEU A 280 12.86 15.23 -30.05
N GLU A 281 12.98 15.98 -28.94
CA GLU A 281 14.29 16.12 -28.31
C GLU A 281 14.88 14.74 -28.00
N PHE A 282 14.03 13.80 -27.57
CA PHE A 282 14.52 12.45 -27.24
C PHE A 282 14.98 11.68 -28.47
N GLN A 283 14.18 11.70 -29.54
CA GLN A 283 14.53 10.91 -30.73
C GLN A 283 15.84 11.39 -31.32
N GLU A 284 16.02 12.70 -31.44
CA GLU A 284 17.28 13.25 -31.95
C GLU A 284 18.45 12.95 -31.02
N TYR A 285 18.23 13.04 -29.71
CA TYR A 285 19.31 12.74 -28.75
C TYR A 285 19.78 11.30 -28.88
N ARG A 286 18.86 10.35 -29.01
CA ARG A 286 19.24 8.96 -29.15
C ARG A 286 20.09 8.75 -30.40
N ILE A 287 19.68 9.36 -31.52
CA ILE A 287 20.38 9.19 -32.78
C ILE A 287 21.74 9.88 -32.75
N VAL A 288 21.80 11.11 -32.21
CA VAL A 288 23.05 11.86 -32.17
C VAL A 288 24.05 11.23 -31.20
N ALA A 289 23.58 10.70 -30.07
CA ALA A 289 24.48 10.04 -29.13
C ALA A 289 25.01 8.73 -29.68
N ALA A 290 24.17 7.97 -30.39
CA ALA A 290 24.62 6.71 -30.98
C ALA A 290 25.72 6.93 -32.01
N VAL A 291 25.63 8.00 -32.80
CA VAL A 291 26.65 8.21 -33.83
C VAL A 291 27.93 8.80 -33.24
N ALA A 292 27.82 9.61 -32.17
CA ALA A 292 29.02 10.19 -31.58
C ALA A 292 29.88 9.14 -30.90
N ASN A 293 29.32 7.97 -30.59
CA ASN A 293 30.07 6.87 -29.99
C ASN A 293 30.47 5.80 -31.00
N LEU A 294 30.30 6.08 -32.29
CA LEU A 294 30.70 5.16 -33.34
C LEU A 294 32.16 5.39 -33.70
N ARG A 295 32.81 4.33 -34.15
CA ARG A 295 34.20 4.42 -34.61
C ARG A 295 34.39 3.62 -35.88
N ILE A 296 35.35 4.07 -36.69
CA ILE A 296 35.68 3.50 -37.98
C ILE A 296 37.11 3.01 -37.90
N ARG A 297 37.36 1.80 -38.38
CA ARG A 297 38.72 1.26 -38.41
C ARG A 297 39.61 2.09 -39.32
N ASP A 298 40.69 2.63 -38.74
CA ASP A 298 41.65 3.49 -39.45
C ASP A 298 43.07 2.97 -39.24
N GLY A 299 43.29 1.70 -39.54
CA GLY A 299 44.58 1.08 -39.31
C GLY A 299 44.45 -0.37 -38.90
N SER A 300 44.90 -0.78 -37.70
CA SER A 300 45.51 0.02 -36.62
C SER A 300 44.64 1.16 -36.10
N GLY A 301 43.32 0.97 -36.14
CA GLY A 301 42.39 1.96 -35.66
C GLY A 301 42.32 2.01 -34.15
N SER A 302 41.25 2.62 -33.64
CA SER A 302 40.19 3.22 -34.44
C SER A 302 40.08 4.73 -34.21
N ARG A 303 39.19 5.38 -34.95
CA ARG A 303 39.00 6.82 -34.94
C ARG A 303 37.51 7.10 -34.90
N PRO A 304 37.11 8.26 -34.38
CA PRO A 304 35.71 8.67 -34.50
C PRO A 304 35.37 9.06 -35.93
N LEU A 305 34.07 9.20 -36.17
CA LEU A 305 33.58 9.54 -37.49
C LEU A 305 33.94 10.98 -37.86
N SER A 306 34.30 11.19 -39.13
CA SER A 306 34.53 12.54 -39.59
C SER A 306 33.23 13.34 -39.51
N LEU A 307 33.37 14.63 -39.24
CA LEU A 307 32.20 15.49 -39.02
C LEU A 307 31.20 15.37 -40.16
N GLU A 308 31.69 15.34 -41.40
CA GLU A 308 30.81 15.20 -42.55
C GLU A 308 30.09 13.86 -42.54
N GLU A 309 30.84 12.76 -42.39
CA GLU A 309 30.20 11.44 -42.39
C GLU A 309 29.19 11.32 -41.27
N ARG A 310 29.49 11.91 -40.12
CA ARG A 310 28.55 11.87 -38.99
C ARG A 310 27.24 12.56 -39.35
N ASN A 311 27.32 13.75 -39.94
CA ASN A 311 26.11 14.47 -40.34
C ASN A 311 25.31 13.70 -41.38
N ALA A 312 25.99 13.07 -42.34
CA ALA A 312 25.30 12.36 -43.41
C ALA A 312 24.49 11.19 -42.88
N VAL A 313 25.07 10.40 -41.98
CA VAL A 313 24.37 9.24 -41.44
C VAL A 313 23.27 9.66 -40.48
N ILE A 314 23.48 10.75 -39.73
CA ILE A 314 22.43 11.28 -38.85
C ILE A 314 21.17 11.58 -39.65
N GLU A 315 21.32 12.31 -40.76
CA GLU A 315 20.16 12.75 -41.52
C GLU A 315 19.45 11.58 -42.19
N ALA A 316 20.20 10.56 -42.62
CA ALA A 316 19.57 9.38 -43.21
C ALA A 316 18.68 8.66 -42.22
N LEU A 317 19.08 8.63 -40.94
CA LEU A 317 18.25 8.03 -39.90
C LEU A 317 17.05 8.91 -39.58
N LEU A 318 17.23 10.24 -39.56
CA LEU A 318 16.13 11.13 -39.23
C LEU A 318 15.03 11.09 -40.28
N ALA A 319 15.39 10.93 -41.55
CA ALA A 319 14.40 11.02 -42.61
C ALA A 319 13.57 9.76 -42.76
N GLN A 320 14.11 8.60 -42.41
CA GLN A 320 13.42 7.35 -42.71
C GLN A 320 12.12 7.26 -41.92
N THR A 321 11.10 6.68 -42.57
CA THR A 321 9.78 6.54 -42.00
C THR A 321 9.50 5.11 -41.57
N GLU A 322 10.44 4.21 -41.79
CA GLU A 322 10.38 2.84 -41.30
C GLU A 322 11.71 2.49 -40.64
N ARG A 323 11.68 1.46 -39.81
CA ARG A 323 12.88 1.02 -39.12
C ARG A 323 13.57 -0.07 -39.95
N SER A 324 14.10 0.36 -41.09
CA SER A 324 14.71 -0.56 -42.04
C SER A 324 16.22 -0.47 -42.07
N LEU A 325 16.80 0.72 -41.97
CA LEU A 325 18.24 0.86 -42.04
C LEU A 325 18.89 0.17 -40.84
N THR A 326 19.67 -0.87 -41.11
CA THR A 326 20.43 -1.54 -40.08
C THR A 326 21.82 -0.92 -39.96
N TRP A 327 22.61 -1.43 -38.99
CA TRP A 327 23.98 -0.98 -38.84
C TRP A 327 24.88 -1.51 -39.95
N SER A 328 24.54 -2.68 -40.51
CA SER A 328 25.22 -3.13 -41.71
C SER A 328 24.96 -2.18 -42.87
N ASP A 329 23.69 -1.77 -43.03
CA ASP A 329 23.34 -0.79 -44.04
C ASP A 329 23.98 0.58 -43.76
N ILE A 330 24.15 0.95 -42.50
CA ILE A 330 24.87 2.19 -42.18
C ILE A 330 26.29 2.15 -42.72
N ALA A 331 26.98 1.04 -42.49
CA ALA A 331 28.39 0.97 -42.89
C ALA A 331 28.54 0.87 -44.39
N LEU A 332 27.61 0.21 -45.07
CA LEU A 332 27.69 -0.02 -46.51
C LEU A 332 26.85 0.99 -47.30
N GLU A 333 25.53 1.01 -47.07
CA GLU A 333 24.64 1.76 -47.96
C GLU A 333 24.86 3.27 -47.91
N ILE A 334 25.54 3.79 -46.89
CA ILE A 334 25.64 5.24 -46.74
C ILE A 334 27.07 5.70 -46.89
N LEU A 335 27.95 5.24 -46.00
CA LEU A 335 29.33 5.68 -46.02
C LEU A 335 30.12 4.95 -47.09
N LYS A 336 29.53 3.91 -47.68
CA LYS A 336 30.17 3.10 -48.72
C LYS A 336 31.48 2.49 -48.20
N LEU A 337 31.53 2.21 -46.89
CA LEU A 337 32.67 1.55 -46.30
C LEU A 337 32.80 0.15 -46.90
N PRO A 338 34.02 -0.36 -47.04
CA PRO A 338 34.19 -1.66 -47.74
C PRO A 338 33.53 -2.86 -47.06
N ASN A 339 33.66 -3.00 -45.74
CA ASN A 339 33.05 -4.10 -45.02
C ASN A 339 32.19 -3.58 -43.89
N GLU A 340 31.25 -4.42 -43.46
CA GLU A 340 30.34 -4.01 -42.38
C GLU A 340 31.06 -3.95 -41.03
N SER A 341 32.05 -4.82 -40.81
CA SER A 341 32.76 -4.85 -39.54
C SER A 341 33.76 -3.71 -39.37
N ASP A 342 33.88 -2.81 -40.34
CA ASP A 342 34.87 -1.74 -40.26
C ASP A 342 34.37 -0.58 -39.42
N LEU A 343 33.13 -0.65 -38.94
CA LEU A 343 32.52 0.38 -38.12
C LEU A 343 31.99 -0.29 -36.85
N THR A 344 32.35 0.26 -35.70
CA THR A 344 31.95 -0.29 -34.41
C THR A 344 31.38 0.81 -33.51
N SER A 345 30.95 0.42 -32.31
CA SER A 345 30.42 1.35 -31.33
C SER A 345 30.90 0.96 -29.94
N VAL A 346 31.05 1.96 -29.08
CA VAL A 346 31.53 1.74 -27.70
C VAL A 346 30.57 2.38 -26.70
N PRO A 347 30.15 1.66 -25.66
CA PRO A 347 29.19 2.21 -24.69
C PRO A 347 29.79 2.79 -23.41
N GLU A 348 31.12 2.73 -23.25
CA GLU A 348 31.83 3.26 -22.09
C GLU A 348 33.05 4.02 -22.58
N GLU A 349 33.74 4.72 -21.67
CA GLU A 349 34.84 5.57 -22.10
C GLU A 349 36.04 4.69 -22.44
N ASP A 350 36.41 4.71 -23.72
CA ASP A 350 37.54 3.93 -24.25
C ASP A 350 37.42 2.44 -23.91
N GLY A 351 36.25 1.86 -24.16
CA GLY A 351 35.95 0.55 -23.64
C GLY A 351 35.66 -0.48 -24.70
N PRO A 352 35.28 -1.70 -24.28
CA PRO A 352 35.03 -2.76 -25.26
C PRO A 352 33.95 -2.32 -26.24
N SER A 353 33.88 -3.04 -27.37
CA SER A 353 33.09 -2.53 -28.47
C SER A 353 32.47 -3.69 -29.24
N SER A 354 31.18 -3.55 -29.54
CA SER A 354 30.45 -4.53 -30.32
C SER A 354 29.36 -3.81 -31.10
N LEU A 355 28.78 -4.51 -32.06
CA LEU A 355 27.68 -3.97 -32.86
C LEU A 355 27.03 -5.10 -33.65
N ALA A 356 25.77 -5.42 -33.33
CA ALA A 356 25.04 -6.41 -34.10
C ALA A 356 24.63 -5.81 -35.44
N TYR A 357 25.16 -6.38 -36.52
CA TYR A 357 24.94 -5.80 -37.84
C TYR A 357 23.59 -6.16 -38.42
N SER A 358 22.93 -7.21 -37.91
CA SER A 358 21.58 -7.55 -38.35
C SER A 358 20.50 -6.74 -37.64
N GLN A 359 20.81 -6.18 -36.48
CA GLN A 359 19.87 -5.34 -35.73
C GLN A 359 19.68 -3.99 -36.41
N PHE A 360 18.53 -3.37 -36.12
CA PHE A 360 18.12 -2.15 -36.78
C PHE A 360 18.65 -0.92 -36.07
N ALA A 361 18.92 0.13 -36.87
CA ALA A 361 19.32 1.42 -36.35
C ALA A 361 18.10 2.24 -35.90
N PRO A 362 18.28 3.17 -34.97
CA PRO A 362 17.15 3.98 -34.49
C PRO A 362 16.63 4.90 -35.58
N PHE A 363 15.35 5.27 -35.43
CA PHE A 363 14.70 6.21 -36.33
C PHE A 363 13.74 7.07 -35.53
N ASP A 364 13.25 8.14 -36.17
CA ASP A 364 12.37 9.10 -35.51
C ASP A 364 10.98 8.48 -35.43
N GLU A 365 10.68 7.86 -34.29
CA GLU A 365 9.41 7.16 -34.12
C GLU A 365 8.23 8.13 -34.18
N THR A 366 8.38 9.31 -33.56
CA THR A 366 7.28 10.25 -33.46
C THR A 366 6.93 10.87 -34.81
N SER A 367 7.95 11.36 -35.54
CA SER A 367 7.71 11.96 -36.85
C SER A 367 7.19 10.95 -37.86
N ALA A 368 7.62 9.68 -37.75
CA ALA A 368 7.14 8.67 -38.68
C ALA A 368 5.67 8.35 -38.44
N ARG A 369 5.27 8.29 -37.16
CA ARG A 369 3.86 8.09 -36.86
C ARG A 369 3.04 9.32 -37.23
N ILE A 370 3.60 10.53 -37.07
CA ILE A 370 2.92 11.71 -37.58
C ILE A 370 2.81 11.63 -39.10
N ALA A 371 3.85 11.12 -39.76
CA ALA A 371 3.82 10.96 -41.22
C ALA A 371 2.75 9.98 -41.66
N GLU A 372 2.63 8.84 -40.97
CA GLU A 372 1.64 7.84 -41.36
C GLU A 372 0.22 8.36 -41.14
N PHE A 373 0.01 9.18 -40.11
CA PHE A 373 -1.34 9.70 -39.87
C PHE A 373 -1.71 10.74 -40.91
N ILE A 374 -0.76 11.60 -41.28
CA ILE A 374 -1.01 12.58 -42.34
C ILE A 374 -1.18 11.87 -43.68
N ALA A 375 -0.38 10.83 -43.93
CA ALA A 375 -0.49 10.09 -45.18
C ALA A 375 -1.80 9.33 -45.27
N LYS A 376 -2.32 8.83 -44.15
CA LYS A 376 -3.60 8.13 -44.19
C LYS A 376 -4.78 9.09 -44.13
N ASN A 377 -4.84 9.94 -43.10
CA ASN A 377 -5.98 10.83 -42.93
C ASN A 377 -5.71 12.29 -43.29
N ARG A 378 -5.19 12.56 -44.49
CA ARG A 378 -4.95 13.95 -44.85
C ARG A 378 -6.26 14.72 -44.97
N ARG A 379 -7.35 14.02 -45.29
CA ARG A 379 -8.66 14.66 -45.32
C ARG A 379 -9.06 15.20 -43.95
N LYS A 380 -8.82 14.42 -42.89
CA LYS A 380 -9.09 14.94 -41.54
C LYS A 380 -8.05 15.97 -41.13
N ILE A 381 -6.90 15.97 -41.79
CA ILE A 381 -5.72 16.75 -41.39
C ILE A 381 -5.21 17.56 -42.59
N PRO A 382 -6.06 18.34 -43.32
CA PRO A 382 -5.52 19.15 -44.43
C PRO A 382 -4.68 20.33 -43.96
N THR A 383 -5.23 21.11 -43.02
CA THR A 383 -4.54 22.32 -42.59
C THR A 383 -3.24 21.99 -41.89
N PHE A 384 -3.24 20.98 -41.03
CA PHE A 384 -2.02 20.60 -40.34
C PHE A 384 -1.02 19.92 -41.27
N ALA A 385 -1.51 19.18 -42.27
CA ALA A 385 -0.60 18.65 -43.30
C ALA A 385 0.16 19.78 -43.97
N GLN A 386 -0.57 20.79 -44.46
CA GLN A 386 0.07 21.96 -45.04
C GLN A 386 0.99 22.65 -44.03
N TRP A 387 0.55 22.71 -42.77
CA TRP A 387 1.31 23.39 -41.73
C TRP A 387 2.59 22.62 -41.38
N TRP A 388 2.44 21.38 -40.91
CA TRP A 388 3.59 20.57 -40.48
C TRP A 388 4.56 20.25 -41.60
N GLN A 389 4.21 20.53 -42.86
CA GLN A 389 5.14 20.33 -43.97
C GLN A 389 6.39 21.19 -43.80
N GLU A 390 6.23 22.50 -43.73
CA GLU A 390 7.38 23.40 -43.70
C GLU A 390 7.71 23.91 -42.30
N GLN A 391 6.87 23.63 -41.31
CA GLN A 391 7.24 23.99 -39.95
C GLN A 391 8.49 23.24 -39.51
N ASP A 392 9.43 23.97 -38.90
CA ASP A 392 10.68 23.36 -38.47
C ASP A 392 10.48 22.55 -37.19
N ARG A 393 11.49 21.75 -36.86
CA ARG A 393 11.41 20.89 -35.69
C ARG A 393 11.63 21.63 -34.37
N THR A 394 12.16 22.85 -34.41
CA THR A 394 12.26 23.64 -33.18
C THR A 394 10.87 23.92 -32.60
N SER A 395 9.86 24.05 -33.45
CA SER A 395 8.48 24.23 -33.00
C SER A 395 7.78 22.91 -32.78
N ARG A 396 8.07 21.92 -33.62
CA ARG A 396 7.55 20.57 -33.44
C ARG A 396 7.96 19.99 -32.09
N SER A 397 9.14 20.37 -31.58
CA SER A 397 9.58 19.86 -30.27
C SER A 397 8.65 20.31 -29.16
N ASP A 398 8.36 21.60 -29.10
CA ASP A 398 7.41 22.12 -28.12
C ASP A 398 6.02 21.54 -28.38
N LEU A 399 5.67 21.37 -29.66
CA LEU A 399 4.38 20.81 -30.04
C LEU A 399 4.22 19.37 -29.55
N VAL A 400 5.23 18.51 -29.78
CA VAL A 400 5.09 17.11 -29.41
C VAL A 400 5.13 16.93 -27.90
N ALA A 401 5.94 17.72 -27.20
CA ALA A 401 5.91 17.66 -25.74
C ALA A 401 4.54 18.08 -25.23
N ALA A 402 3.90 19.03 -25.93
CA ALA A 402 2.52 19.38 -25.62
C ALA A 402 1.57 18.24 -25.98
N LEU A 403 1.85 17.52 -27.07
CA LEU A 403 1.02 16.36 -27.42
C LEU A 403 1.08 15.30 -26.33
N ALA A 404 2.27 15.07 -25.77
CA ALA A 404 2.39 14.12 -24.67
C ALA A 404 1.68 14.65 -23.43
N ASP A 405 1.75 15.97 -23.21
CA ASP A 405 1.12 16.61 -22.06
C ASP A 405 -0.39 16.81 -22.22
N ASN A 406 -0.92 16.80 -23.45
CA ASN A 406 -2.38 16.76 -23.59
C ASN A 406 -2.93 15.35 -23.47
N SER A 407 -2.26 14.38 -24.10
CA SER A 407 -2.67 12.98 -23.94
C SER A 407 -2.46 12.48 -22.51
N ILE A 408 -1.77 13.26 -21.67
CA ILE A 408 -1.82 13.09 -20.22
C ILE A 408 -1.45 14.41 -19.56
N ALA A 409 -2.35 14.91 -18.72
CA ALA A 409 -2.26 16.28 -18.23
C ALA A 409 -1.32 16.37 -17.03
N GLY A 410 -0.65 17.52 -16.90
CA GLY A 410 -0.69 18.57 -17.91
C GLY A 410 -1.64 19.70 -17.61
N HIS A 419 -0.39 26.77 -31.65
CA HIS A 419 -1.80 26.99 -31.98
C HIS A 419 -2.44 25.65 -32.33
N LEU A 420 -3.68 25.43 -31.87
CA LEU A 420 -4.33 24.14 -32.07
C LEU A 420 -5.72 24.28 -32.72
N PRO A 421 -5.97 23.59 -33.84
CA PRO A 421 -7.30 23.67 -34.47
C PRO A 421 -8.28 22.65 -33.88
N ASP A 422 -9.41 23.16 -33.37
CA ASP A 422 -10.38 22.28 -32.70
C ASP A 422 -10.97 21.24 -33.65
N ALA A 423 -11.38 21.68 -34.85
CA ALA A 423 -11.97 20.76 -35.82
C ALA A 423 -11.04 19.59 -36.13
N GLU A 424 -9.76 19.88 -36.36
CA GLU A 424 -8.78 18.82 -36.62
C GLU A 424 -8.49 17.98 -35.38
N LEU A 425 -8.29 18.63 -34.22
CA LEU A 425 -7.88 17.93 -33.00
C LEU A 425 -8.70 16.68 -32.70
N GLU A 426 -10.01 16.71 -32.98
CA GLU A 426 -10.85 15.58 -32.62
C GLU A 426 -10.51 14.32 -33.41
N ALA A 427 -10.09 14.45 -34.67
CA ALA A 427 -9.67 13.29 -35.44
C ALA A 427 -8.23 12.88 -35.14
N LEU A 428 -7.44 13.78 -34.53
CA LEU A 428 -6.05 13.52 -34.19
C LEU A 428 -5.88 12.49 -33.07
N GLU A 429 -6.97 12.04 -32.46
CA GLU A 429 -6.87 11.05 -31.39
C GLU A 429 -6.78 9.62 -31.90
N GLY A 430 -7.07 9.36 -33.17
CA GLY A 430 -6.82 8.04 -33.70
C GLY A 430 -5.37 7.73 -34.05
N LEU A 431 -4.44 8.62 -33.71
CA LEU A 431 -3.01 8.38 -33.92
C LEU A 431 -2.38 7.80 -32.66
N ALA A 432 -1.59 6.74 -32.83
CA ALA A 432 -0.88 6.08 -31.74
C ALA A 432 0.52 6.68 -31.61
N LEU A 433 0.77 7.40 -30.50
CA LEU A 433 2.07 7.99 -30.23
C LEU A 433 2.85 7.19 -29.20
N PRO A 434 4.18 7.31 -29.19
CA PRO A 434 4.99 6.57 -28.22
C PRO A 434 4.64 6.91 -26.78
N SER A 435 4.24 5.89 -26.02
CA SER A 435 3.91 6.06 -24.62
C SER A 435 5.11 5.72 -23.74
N GLY A 436 5.12 6.32 -22.55
CA GLY A 436 6.15 6.08 -21.57
C GLY A 436 7.11 7.25 -21.45
N ARG A 437 7.83 7.27 -20.33
CA ARG A 437 8.80 8.32 -20.06
C ARG A 437 10.22 7.77 -20.27
N VAL A 438 11.17 8.70 -20.37
CA VAL A 438 12.56 8.36 -20.62
C VAL A 438 13.41 9.02 -19.54
N ALA A 439 14.70 8.65 -19.51
CA ALA A 439 15.56 8.96 -18.36
C ALA A 439 15.68 10.46 -18.12
N TYR A 440 15.74 11.27 -19.17
CA TYR A 440 16.12 12.67 -19.06
C TYR A 440 14.97 13.63 -19.35
N SER A 441 15.17 14.87 -18.90
CA SER A 441 14.22 15.95 -19.11
C SER A 441 14.30 16.43 -20.56
N ARG A 442 13.49 17.44 -20.88
CA ARG A 442 13.46 17.92 -22.26
C ARG A 442 14.62 18.85 -22.56
N LEU A 443 14.91 19.81 -21.66
CA LEU A 443 16.02 20.72 -21.89
C LEU A 443 17.37 20.05 -21.79
N THR A 444 17.49 19.02 -20.95
CA THR A 444 18.75 18.28 -20.87
C THR A 444 19.05 17.56 -22.19
N LEU A 445 18.03 16.94 -22.79
CA LEU A 445 18.21 16.33 -24.11
C LEU A 445 18.62 17.37 -25.14
N SER A 446 17.94 18.53 -25.15
CA SER A 446 18.21 19.54 -26.16
C SER A 446 19.64 20.07 -26.04
N GLY A 447 20.08 20.36 -24.81
CA GLY A 447 21.44 20.87 -24.63
C GLY A 447 22.51 19.84 -24.93
N LEU A 448 22.31 18.59 -24.51
CA LEU A 448 23.28 17.55 -24.83
C LEU A 448 23.36 17.31 -26.33
N THR A 449 22.23 17.41 -27.04
CA THR A 449 22.24 17.21 -28.49
C THR A 449 23.06 18.28 -29.20
N ARG A 450 22.94 19.54 -28.77
CA ARG A 450 23.66 20.62 -29.44
C ARG A 450 25.17 20.47 -29.27
N VAL A 451 25.63 20.04 -28.09
CA VAL A 451 27.07 19.93 -27.88
C VAL A 451 27.67 18.70 -28.58
N MET A 452 26.95 17.58 -28.65
CA MET A 452 27.48 16.42 -29.36
C MET A 452 27.57 16.69 -30.86
N ARG A 453 26.67 17.53 -31.39
CA ARG A 453 26.74 17.90 -32.81
C ARG A 453 27.79 18.96 -33.08
N ASP A 454 27.91 19.96 -32.20
CA ASP A 454 28.76 21.11 -32.50
C ASP A 454 30.23 20.87 -32.22
N ASP A 455 30.57 20.14 -31.14
CA ASP A 455 31.97 19.91 -30.81
C ASP A 455 32.43 18.49 -31.09
N GLY A 456 31.57 17.65 -31.65
CA GLY A 456 31.92 16.28 -31.98
C GLY A 456 32.55 15.53 -30.82
N VAL A 457 31.75 15.32 -29.78
CA VAL A 457 32.23 14.87 -28.48
C VAL A 457 31.31 13.78 -27.98
N ASP A 458 31.85 12.85 -27.17
CA ASP A 458 31.07 11.79 -26.57
C ASP A 458 29.85 12.30 -25.82
N VAL A 459 28.89 11.42 -25.56
CA VAL A 459 27.80 11.76 -24.66
C VAL A 459 28.32 11.86 -23.23
N HIS A 460 29.20 10.94 -22.84
CA HIS A 460 29.72 10.94 -21.48
C HIS A 460 30.52 12.20 -21.22
N ASN A 461 31.13 12.78 -22.26
CA ASN A 461 31.88 14.02 -22.15
C ASN A 461 30.99 15.24 -22.42
N ALA A 462 29.86 15.04 -23.10
CA ALA A 462 28.88 16.12 -23.23
C ALA A 462 28.32 16.51 -21.87
N ARG A 463 28.15 15.54 -20.98
CA ARG A 463 27.81 15.80 -19.58
C ARG A 463 28.76 16.82 -18.98
N LYS A 464 30.06 16.53 -19.05
CA LYS A 464 31.09 17.41 -18.47
C LYS A 464 31.04 18.81 -19.07
N THR A 465 30.82 18.91 -20.38
CA THR A 465 30.76 20.23 -21.02
C THR A 465 29.55 21.04 -20.57
N CYS A 466 28.38 20.40 -20.45
CA CYS A 466 27.18 21.14 -20.10
C CYS A 466 27.06 21.35 -18.59
N PHE A 467 27.21 20.28 -17.82
CA PHE A 467 26.85 20.25 -16.40
C PHE A 467 28.07 19.84 -15.62
N GLY A 468 28.36 20.55 -14.52
CA GLY A 468 29.54 20.26 -13.75
C GLY A 468 29.55 18.85 -13.17
N VAL A 469 30.14 17.91 -13.88
CA VAL A 469 30.30 16.53 -13.43
C VAL A 469 31.62 16.01 -13.95
N ASP A 470 32.30 15.20 -13.12
CA ASP A 470 33.53 14.56 -13.59
C ASP A 470 33.19 13.50 -14.65
N ASP A 471 34.23 12.95 -15.26
CA ASP A 471 34.06 12.02 -16.37
C ASP A 471 34.76 10.70 -16.04
N ASN A 472 34.02 9.60 -16.08
CA ASN A 472 32.57 9.64 -16.30
C ASN A 472 31.89 9.70 -14.94
N TRP A 473 30.57 9.78 -14.95
CA TRP A 473 29.80 9.63 -13.73
C TRP A 473 28.52 8.87 -14.03
N ARG A 474 28.25 7.84 -13.25
CA ARG A 474 27.01 7.11 -13.42
C ARG A 474 25.92 7.82 -12.64
N PRO A 475 24.67 7.74 -13.09
CA PRO A 475 23.56 8.37 -12.35
C PRO A 475 23.51 7.88 -10.91
N PRO A 476 23.23 8.78 -9.96
CA PRO A 476 23.39 8.43 -8.55
C PRO A 476 22.49 7.27 -8.14
N LEU A 477 23.03 6.40 -7.30
CA LEU A 477 22.28 5.25 -6.84
C LEU A 477 21.23 5.68 -5.81
N PRO A 478 20.10 4.99 -5.72
CA PRO A 478 19.12 5.34 -4.70
C PRO A 478 19.69 5.09 -3.31
N ALA A 479 19.28 5.93 -2.37
CA ALA A 479 19.88 5.90 -1.06
C ALA A 479 19.07 5.04 -0.09
N LEU A 480 19.66 4.78 1.08
CA LEU A 480 18.93 4.10 2.15
C LEU A 480 17.80 4.94 2.71
N HIS A 481 17.96 6.26 2.75
CA HIS A 481 16.93 7.15 3.26
C HIS A 481 15.92 7.57 2.20
N GLU A 482 15.65 6.71 1.21
CA GLU A 482 14.63 6.98 0.20
C GLU A 482 13.81 5.72 -0.03
N ALA A 483 12.48 5.87 -0.06
CA ALA A 483 11.57 4.75 -0.16
C ALA A 483 11.44 4.29 -1.61
N THR A 484 10.84 3.12 -1.79
CA THR A 484 10.55 2.56 -3.11
C THR A 484 9.05 2.51 -3.41
N GLY A 485 8.20 2.89 -2.46
CA GLY A 485 6.76 2.81 -2.64
C GLY A 485 6.20 1.41 -2.63
N HIS A 486 7.05 0.38 -2.72
CA HIS A 486 6.60 -1.01 -2.68
C HIS A 486 6.53 -1.46 -1.23
N PRO A 487 5.36 -1.87 -0.73
CA PRO A 487 5.19 -1.96 0.73
C PRO A 487 6.04 -3.04 1.40
N VAL A 488 6.23 -4.21 0.79
CA VAL A 488 7.02 -5.23 1.47
C VAL A 488 8.51 -4.90 1.42
N VAL A 489 8.97 -4.24 0.35
CA VAL A 489 10.36 -3.82 0.27
C VAL A 489 10.66 -2.70 1.24
N ASP A 490 9.71 -1.81 1.49
CA ASP A 490 9.98 -0.69 2.39
C ASP A 490 9.98 -1.11 3.84
N ARG A 491 9.15 -2.09 4.22
CA ARG A 491 9.24 -2.65 5.56
C ARG A 491 10.62 -3.27 5.81
N ASN A 492 11.06 -4.11 4.86
CA ASN A 492 12.39 -4.68 4.97
C ASN A 492 13.46 -3.61 5.02
N LEU A 493 13.39 -2.64 4.11
CA LEU A 493 14.42 -1.60 4.04
C LEU A 493 14.48 -0.80 5.33
N ALA A 494 13.31 -0.42 5.89
CA ALA A 494 13.31 0.41 7.09
C ALA A 494 14.03 -0.27 8.24
N ILE A 495 13.65 -1.52 8.54
CA ILE A 495 14.34 -2.28 9.58
C ILE A 495 15.83 -2.39 9.25
N LEU A 496 16.16 -2.55 7.96
CA LEU A 496 17.55 -2.73 7.57
C LEU A 496 18.42 -1.52 7.94
N ARG A 497 18.02 -0.32 7.52
CA ARG A 497 18.95 0.79 7.70
C ARG A 497 19.03 1.20 9.16
N LYS A 498 17.95 1.00 9.92
CA LYS A 498 18.00 1.22 11.36
C LYS A 498 19.03 0.30 12.00
N PHE A 499 18.97 -1.00 11.68
CA PHE A 499 19.96 -1.95 12.17
C PHE A 499 21.38 -1.54 11.78
N LEU A 500 21.55 -1.03 10.56
CA LEU A 500 22.89 -0.72 10.08
C LEU A 500 23.44 0.56 10.69
N SER A 501 22.59 1.58 10.85
CA SER A 501 23.04 2.79 11.54
C SER A 501 23.41 2.48 12.98
N SER A 502 22.61 1.63 13.64
CA SER A 502 22.93 1.23 15.00
C SER A 502 24.23 0.43 15.03
N ALA A 503 24.43 -0.43 14.03
CA ALA A 503 25.65 -1.23 13.99
C ALA A 503 26.86 -0.37 13.66
N THR A 504 26.71 0.52 12.68
CA THR A 504 27.81 1.39 12.26
C THR A 504 28.18 2.41 13.34
N MET A 505 27.23 2.78 14.20
CA MET A 505 27.60 3.60 15.34
C MET A 505 28.14 2.77 16.49
N ARG A 506 27.54 1.60 16.74
CA ARG A 506 27.97 0.76 17.86
C ARG A 506 29.32 0.10 17.54
N TRP A 507 29.53 -0.29 16.28
CA TRP A 507 30.77 -0.90 15.84
C TRP A 507 31.28 -0.13 14.63
N GLY A 508 32.33 -0.60 13.98
CA GLY A 508 32.78 -0.01 12.74
C GLY A 508 31.88 -0.40 11.59
N PRO A 509 32.07 0.26 10.44
CA PRO A 509 31.44 -0.22 9.22
C PRO A 509 31.92 -1.63 8.89
N PRO A 510 31.08 -2.44 8.24
CA PRO A 510 31.43 -3.85 8.05
C PRO A 510 32.48 -4.05 6.96
N GLN A 511 33.05 -5.26 6.95
CA GLN A 511 33.94 -5.67 5.87
C GLN A 511 33.15 -6.09 4.64
N SER A 512 32.14 -6.94 4.83
CA SER A 512 31.29 -7.40 3.75
C SER A 512 29.83 -7.38 4.22
N ILE A 513 28.93 -7.38 3.25
CA ILE A 513 27.50 -7.51 3.50
C ILE A 513 26.96 -8.63 2.61
N VAL A 514 26.32 -9.61 3.23
CA VAL A 514 25.73 -10.75 2.52
C VAL A 514 24.23 -10.71 2.75
N VAL A 515 23.45 -10.96 1.70
CA VAL A 515 21.99 -10.87 1.74
C VAL A 515 21.38 -12.10 1.09
N GLU A 516 20.28 -12.59 1.67
CA GLU A 516 19.53 -13.74 1.19
C GLU A 516 18.05 -13.37 1.03
N LEU A 517 17.41 -13.88 -0.03
CA LEU A 517 16.00 -13.61 -0.27
C LEU A 517 15.23 -14.91 -0.46
N GLY A 518 14.07 -15.01 0.21
CA GLY A 518 13.21 -16.18 0.10
C GLY A 518 12.46 -16.26 -1.21
N SER A 521 10.47 -14.16 -8.18
CA SER A 521 9.09 -13.81 -7.83
C SER A 521 8.98 -12.33 -7.42
N ALA A 522 8.03 -12.03 -6.54
CA ALA A 522 7.85 -10.67 -6.02
C ALA A 522 9.17 -10.12 -5.49
N GLY A 523 9.89 -10.91 -4.71
CA GLY A 523 11.17 -10.49 -4.16
C GLY A 523 12.20 -9.98 -5.17
N GLY A 524 11.88 -10.09 -6.46
CA GLY A 524 12.81 -9.67 -7.48
C GLY A 524 13.15 -8.19 -7.37
N TYR A 525 12.14 -7.34 -7.18
CA TYR A 525 12.43 -5.91 -7.05
C TYR A 525 13.26 -5.68 -5.81
N ALA A 526 12.91 -6.38 -4.74
CA ALA A 526 13.58 -6.21 -3.46
C ALA A 526 15.08 -6.45 -3.58
N ALA A 527 15.48 -7.47 -4.33
CA ALA A 527 16.91 -7.71 -4.51
C ALA A 527 17.60 -6.48 -5.08
N VAL A 528 17.16 -6.04 -6.26
CA VAL A 528 17.79 -4.90 -6.93
C VAL A 528 17.73 -3.64 -6.08
N ALA A 529 16.57 -3.38 -5.46
CA ALA A 529 16.40 -2.16 -4.68
C ALA A 529 17.28 -2.14 -3.44
N LEU A 530 17.21 -3.21 -2.64
CA LEU A 530 18.05 -3.31 -1.45
C LEU A 530 19.54 -3.32 -1.80
N ARG A 531 19.92 -4.05 -2.85
CA ARG A 531 21.33 -4.13 -3.23
C ARG A 531 21.86 -2.77 -3.65
N ASP A 532 21.20 -2.14 -4.63
CA ASP A 532 21.70 -0.87 -5.16
C ASP A 532 21.72 0.21 -4.09
N ARG A 533 20.79 0.16 -3.15
CA ARG A 533 20.84 1.05 -2.00
C ARG A 533 22.02 0.71 -1.11
N LEU A 534 22.27 -0.58 -0.86
CA LEU A 534 23.43 -0.95 -0.04
C LEU A 534 24.74 -0.59 -0.73
N LEU A 535 24.79 -0.65 -2.06
CA LEU A 535 26.02 -0.28 -2.76
C LEU A 535 26.32 1.20 -2.59
N SER A 536 25.28 2.04 -2.60
CA SER A 536 25.47 3.44 -2.26
C SER A 536 26.02 3.58 -0.85
N TYR A 537 25.48 2.81 0.09
CA TYR A 537 26.02 2.79 1.45
C TYR A 537 27.51 2.48 1.44
N GLY A 538 27.90 1.43 0.70
CA GLY A 538 29.28 0.99 0.72
C GLY A 538 30.20 1.96 0.01
N GLU A 539 29.78 2.47 -1.13
CA GLU A 539 30.58 3.46 -1.84
C GLU A 539 30.67 4.77 -1.06
N LYS A 540 29.77 4.97 -0.08
CA LYS A 540 29.87 6.09 0.86
C LYS A 540 30.74 5.78 2.07
N ASN A 541 30.52 4.65 2.73
CA ASN A 541 31.28 4.28 3.92
C ASN A 541 32.55 3.49 3.66
N GLY A 542 32.71 2.93 2.47
CA GLY A 542 33.87 2.12 2.20
C GLY A 542 33.65 0.71 2.68
N VAL A 543 32.84 -0.05 1.95
CA VAL A 543 32.64 -1.48 2.19
C VAL A 543 33.20 -2.20 0.97
N ALA A 544 34.06 -3.19 1.22
CA ALA A 544 34.71 -3.90 0.13
C ALA A 544 33.70 -4.69 -0.71
N GLN A 545 33.03 -5.65 -0.10
CA GLN A 545 32.29 -6.66 -0.83
C GLN A 545 30.82 -6.57 -0.45
N VAL A 546 29.95 -6.63 -1.46
CA VAL A 546 28.50 -6.59 -1.29
C VAL A 546 27.91 -7.68 -2.17
N ALA A 547 27.32 -8.70 -1.56
CA ALA A 547 26.82 -9.86 -2.31
C ALA A 547 25.37 -10.14 -1.94
N VAL A 548 24.60 -10.53 -2.94
CA VAL A 548 23.21 -10.95 -2.78
C VAL A 548 23.09 -12.33 -3.40
N PHE A 549 22.10 -13.10 -2.92
CA PHE A 549 21.90 -14.45 -3.44
C PHE A 549 20.42 -14.74 -3.60
N ARG A 550 20.09 -15.44 -4.68
CA ARG A 550 18.76 -15.95 -4.92
C ARG A 550 18.88 -17.43 -5.25
N GLY A 551 18.25 -18.28 -4.44
CA GLY A 551 17.50 -17.82 -3.29
C GLY A 551 17.33 -18.94 -2.30
N GLY A 552 18.41 -19.70 -2.11
CA GLY A 552 18.42 -20.84 -1.23
C GLY A 552 19.81 -21.31 -0.86
N VAL A 553 20.78 -20.39 -0.90
CA VAL A 553 22.15 -20.75 -0.56
C VAL A 553 22.32 -20.91 0.96
N THR A 554 21.54 -20.18 1.75
CA THR A 554 21.77 -20.13 3.20
C THR A 554 21.33 -21.42 3.90
N ALA A 555 20.26 -22.06 3.42
CA ALA A 555 19.82 -23.33 3.99
C ALA A 555 20.85 -24.42 3.75
N GLU A 556 21.48 -24.44 2.56
CA GLU A 556 22.53 -25.40 2.27
C GLU A 556 23.79 -25.13 3.09
N ALA A 557 24.15 -23.85 3.24
CA ALA A 557 25.31 -23.50 4.06
C ALA A 557 25.17 -24.05 5.48
N ARG A 558 23.98 -23.98 6.06
CA ARG A 558 23.72 -24.62 7.34
C ARG A 558 23.87 -26.12 7.24
N ARG A 559 22.96 -26.77 6.52
CA ARG A 559 22.80 -28.23 6.51
C ARG A 559 23.99 -28.95 5.89
N TRP A 560 25.07 -28.20 5.71
CA TRP A 560 26.37 -28.77 5.37
C TRP A 560 27.42 -28.47 6.41
N LEU A 561 27.04 -27.90 7.54
CA LEU A 561 27.93 -27.67 8.66
C LEU A 561 27.34 -28.27 9.93
N ASP A 562 26.29 -29.08 9.81
CA ASP A 562 25.56 -29.64 10.94
C ASP A 562 25.03 -28.54 11.84
N ILE A 563 24.38 -27.56 11.22
CA ILE A 563 23.69 -26.49 11.94
C ILE A 563 22.22 -26.61 11.56
N SER A 564 21.48 -27.39 12.35
CA SER A 564 20.05 -27.55 12.17
C SER A 564 19.35 -26.86 13.32
N ILE A 565 18.46 -25.92 12.98
CA ILE A 565 17.83 -25.08 14.00
C ILE A 565 16.84 -25.85 14.84
N GLU A 566 16.27 -26.95 14.33
CA GLU A 566 15.41 -27.78 15.17
C GLU A 566 16.19 -28.40 16.32
N ARG A 567 17.52 -28.44 16.25
CA ARG A 567 18.36 -28.83 17.38
C ARG A 567 19.01 -27.65 18.07
N LEU A 568 19.24 -26.55 17.34
CA LEU A 568 19.90 -25.38 17.94
C LEU A 568 19.07 -24.81 19.09
N PHE A 569 17.75 -24.91 18.99
CA PHE A 569 16.84 -24.68 20.08
C PHE A 569 16.10 -25.99 20.26
N SER A 570 15.92 -26.43 21.50
CA SER A 570 15.44 -27.80 21.69
C SER A 570 13.95 -27.81 21.46
N ARG A 571 13.56 -28.21 20.24
CA ARG A 571 12.18 -28.12 19.79
C ARG A 571 11.66 -29.48 19.37
N VAL A 572 10.38 -29.72 19.65
CA VAL A 572 9.77 -31.01 19.34
C VAL A 572 9.49 -31.11 17.84
N ALA A 573 9.35 -32.35 17.36
CA ALA A 573 8.94 -32.56 15.99
C ALA A 573 7.45 -32.28 15.87
N ILE A 574 6.98 -32.12 14.63
CA ILE A 574 5.63 -31.63 14.38
C ILE A 574 4.81 -32.60 13.54
N PHE A 575 5.38 -33.12 12.45
CA PHE A 575 4.66 -34.00 11.54
C PHE A 575 4.83 -35.47 11.94
N ALA A 576 3.94 -36.32 11.44
CA ALA A 576 4.01 -37.74 11.74
C ALA A 576 5.34 -38.32 11.27
N GLN A 577 5.73 -37.98 10.05
CA GLN A 577 7.09 -38.22 9.60
C GLN A 577 7.98 -37.14 10.19
N SER A 578 9.18 -37.54 10.60
CA SER A 578 10.14 -36.55 11.07
C SER A 578 10.61 -35.69 9.91
N THR A 579 10.80 -34.39 10.17
CA THR A 579 11.10 -33.41 9.15
C THR A 579 11.83 -32.26 9.83
N SER A 580 12.40 -31.38 9.02
CA SER A 580 13.17 -30.25 9.53
C SER A 580 12.19 -29.11 9.77
N THR A 581 12.00 -28.74 11.04
CA THR A 581 11.05 -27.69 11.43
C THR A 581 11.70 -26.31 11.27
N LYS A 582 12.10 -26.02 10.03
CA LYS A 582 12.79 -24.77 9.73
C LYS A 582 11.92 -23.55 10.01
N ARG A 583 10.78 -23.44 9.33
CA ARG A 583 9.93 -22.27 9.47
C ARG A 583 9.24 -22.18 10.84
N LEU A 584 9.33 -23.23 11.67
CA LEU A 584 8.56 -23.25 12.90
C LEU A 584 8.97 -22.13 13.86
N ASP A 585 10.25 -22.02 14.17
CA ASP A 585 10.76 -21.02 15.11
C ASP A 585 11.21 -19.79 14.34
N ARG A 586 10.57 -18.65 14.62
CA ARG A 586 10.87 -17.39 13.93
C ARG A 586 12.29 -16.87 14.16
N ARG A 587 13.10 -17.57 14.97
CA ARG A 587 14.48 -17.13 15.17
C ARG A 587 15.42 -17.56 14.06
N HIS A 588 15.00 -18.45 13.14
CA HIS A 588 15.92 -18.96 12.12
C HIS A 588 16.40 -17.86 11.18
N HIS A 589 15.55 -16.85 10.93
CA HIS A 589 15.96 -15.74 10.07
C HIS A 589 17.25 -15.10 10.58
N ALA A 590 17.39 -14.95 11.91
CA ALA A 590 18.59 -14.33 12.46
C ALA A 590 19.80 -15.25 12.31
N VAL A 591 19.62 -16.57 12.50
CA VAL A 591 20.76 -17.47 12.38
C VAL A 591 21.18 -17.63 10.93
N ASP A 592 20.22 -17.61 10.00
CA ASP A 592 20.57 -17.54 8.58
C ASP A 592 21.41 -16.30 8.29
N ALA A 593 21.00 -15.16 8.84
CA ALA A 593 21.83 -13.97 8.75
C ALA A 593 23.24 -14.21 9.30
N VAL A 594 23.34 -14.90 10.44
CA VAL A 594 24.65 -15.13 11.06
C VAL A 594 25.54 -15.98 10.17
N VAL A 595 24.97 -17.02 9.56
CA VAL A 595 25.77 -17.92 8.73
C VAL A 595 26.15 -17.26 7.40
N LEU A 596 25.31 -16.36 6.89
CA LEU A 596 25.65 -15.64 5.66
C LEU A 596 26.89 -14.79 5.78
N THR A 597 27.26 -14.36 6.99
CA THR A 597 28.47 -13.54 7.14
C THR A 597 29.73 -14.28 6.72
N THR A 598 29.69 -15.61 6.60
CA THR A 598 30.84 -16.41 6.19
C THR A 598 30.89 -16.66 4.69
N LEU A 599 30.02 -16.05 3.91
CA LEU A 599 29.89 -16.38 2.49
C LEU A 599 30.45 -15.29 1.60
N THR A 600 30.99 -15.69 0.46
CA THR A 600 31.42 -14.84 -0.63
C THR A 600 30.81 -15.40 -1.90
N PRO A 601 30.60 -14.57 -2.94
CA PRO A 601 29.82 -15.04 -4.11
C PRO A 601 30.31 -16.35 -4.67
N GLY A 602 31.63 -16.51 -4.82
CA GLY A 602 32.16 -17.75 -5.35
C GLY A 602 31.85 -18.93 -4.47
N VAL A 603 32.04 -18.76 -3.15
CA VAL A 603 31.80 -19.85 -2.21
C VAL A 603 30.33 -20.23 -2.15
N ALA A 604 29.43 -19.25 -2.22
CA ALA A 604 28.00 -19.55 -2.15
C ALA A 604 27.51 -20.36 -3.35
N LYS A 605 27.93 -19.99 -4.56
CA LYS A 605 27.48 -20.72 -5.75
C LYS A 605 28.13 -22.10 -5.84
N THR A 606 29.42 -22.22 -5.49
CA THR A 606 30.04 -23.55 -5.51
C THR A 606 29.40 -24.47 -4.50
N LEU A 607 28.70 -23.92 -3.51
CA LEU A 607 27.90 -24.72 -2.61
C LEU A 607 26.56 -25.08 -3.26
N ALA A 608 25.90 -24.08 -3.87
CA ALA A 608 24.60 -24.32 -4.49
C ALA A 608 24.71 -25.31 -5.64
N ASP A 609 25.82 -25.26 -6.37
CA ASP A 609 26.06 -26.24 -7.45
C ASP A 609 26.06 -27.66 -6.89
N ALA A 610 26.78 -27.88 -5.78
CA ALA A 610 26.80 -29.21 -5.18
C ALA A 610 25.40 -29.62 -4.77
N ARG A 611 24.61 -28.67 -4.27
CA ARG A 611 23.22 -28.91 -3.91
C ARG A 611 22.45 -29.49 -5.09
N SER A 612 22.64 -28.89 -6.28
CA SER A 612 21.96 -29.36 -7.49
C SER A 612 22.43 -30.77 -7.85
N ARG A 613 23.72 -31.05 -7.67
CA ARG A 613 24.30 -32.33 -8.04
C ARG A 613 23.72 -33.51 -7.28
N ARG A 614 23.15 -33.29 -6.09
CA ARG A 614 22.48 -34.37 -5.38
C ARG A 614 21.03 -34.55 -5.79
N VAL A 615 20.29 -33.46 -5.95
CA VAL A 615 18.86 -33.53 -6.23
C VAL A 615 18.56 -34.13 -7.59
N SER A 616 19.54 -34.15 -8.50
CA SER A 616 19.30 -34.76 -9.81
C SER A 616 19.44 -36.27 -9.75
N ALA A 617 20.56 -36.76 -9.24
CA ALA A 617 20.78 -38.20 -9.11
C ALA A 617 20.99 -38.58 -7.65
N SER A 630 27.50 -40.40 -7.05
CA SER A 630 26.10 -40.01 -6.98
C SER A 630 25.48 -40.47 -5.66
N THR A 631 25.66 -39.67 -4.61
CA THR A 631 26.40 -38.42 -4.71
C THR A 631 27.66 -38.44 -3.86
N GLU A 632 28.79 -38.09 -4.47
CA GLU A 632 29.88 -38.10 -3.52
C GLU A 632 30.45 -36.72 -3.17
N GLU A 633 30.65 -36.68 -1.87
CA GLU A 633 31.11 -35.64 -0.98
C GLU A 633 30.91 -34.15 -1.32
N PRO A 634 31.86 -33.31 -0.82
CA PRO A 634 32.14 -31.91 -1.14
C PRO A 634 33.68 -31.86 -1.27
N GLN A 635 34.33 -30.69 -1.42
CA GLN A 635 35.78 -30.43 -1.53
C GLN A 635 36.18 -29.71 -2.81
N SER A 636 36.75 -28.51 -2.57
CA SER A 636 37.22 -27.46 -3.45
C SER A 636 37.99 -26.46 -2.59
N PRO A 637 39.14 -25.94 -3.09
CA PRO A 637 39.92 -24.94 -2.33
C PRO A 637 39.11 -23.80 -1.71
N ALA A 638 37.94 -23.50 -2.27
CA ALA A 638 37.11 -22.44 -1.71
C ALA A 638 36.33 -22.92 -0.48
N TYR A 639 35.92 -24.18 -0.47
CA TYR A 639 35.06 -24.76 0.56
C TYR A 639 35.86 -25.30 1.74
N ARG A 640 37.03 -25.87 1.49
CA ARG A 640 37.90 -26.28 2.59
C ARG A 640 38.44 -25.06 3.32
N GLN A 641 38.74 -23.99 2.58
CA GLN A 641 39.05 -22.71 3.24
C GLN A 641 37.87 -22.23 4.07
N TRP A 642 36.65 -22.34 3.51
CA TRP A 642 35.44 -21.96 4.24
C TRP A 642 35.33 -22.69 5.58
N LYS A 643 35.37 -24.02 5.57
CA LYS A 643 35.20 -24.78 6.81
C LYS A 643 36.30 -24.51 7.83
N GLU A 644 37.55 -24.40 7.38
CA GLU A 644 38.61 -24.10 8.34
C GLU A 644 38.37 -22.77 9.02
N SER A 645 37.86 -21.80 8.27
CA SER A 645 37.52 -20.51 8.86
C SER A 645 36.17 -20.57 9.56
N CYS A 646 35.30 -21.48 9.18
CA CYS A 646 33.91 -21.47 9.61
C CYS A 646 33.56 -22.64 10.53
N SER A 647 34.52 -23.51 10.85
CA SER A 647 34.23 -24.62 11.76
C SER A 647 33.70 -24.16 13.11
N GLY A 648 34.10 -22.97 13.56
CA GLY A 648 33.75 -22.50 14.89
C GLY A 648 32.29 -22.13 15.10
N LEU A 649 31.57 -21.77 14.04
CA LEU A 649 30.18 -21.35 14.21
C LEU A 649 29.31 -22.46 14.77
N GLY A 650 29.66 -23.72 14.52
CA GLY A 650 28.95 -24.82 15.15
C GLY A 650 28.77 -24.64 16.65
N ASP A 651 29.77 -24.07 17.32
CA ASP A 651 29.70 -23.85 18.76
C ASP A 651 29.12 -22.49 19.17
N LEU A 652 29.38 -21.43 18.42
CA LEU A 652 28.87 -20.11 18.81
C LEU A 652 27.35 -20.06 18.86
N LEU A 653 26.67 -20.69 17.90
CA LEU A 653 25.21 -20.65 17.93
C LEU A 653 24.67 -21.41 19.13
N ILE A 654 25.32 -22.50 19.50
CA ILE A 654 24.98 -23.20 20.74
C ILE A 654 25.14 -22.25 21.93
N SER A 655 26.27 -21.53 21.97
CA SER A 655 26.52 -20.55 23.03
C SER A 655 25.47 -19.45 23.01
N THR A 656 25.10 -18.98 21.83
CA THR A 656 24.16 -17.86 21.70
C THR A 656 22.74 -18.30 22.04
N ALA A 657 22.35 -19.52 21.69
CA ALA A 657 21.02 -20.00 22.04
C ALA A 657 20.91 -20.29 23.54
N ALA A 658 22.00 -20.70 24.18
CA ALA A 658 21.96 -20.99 25.62
C ALA A 658 21.69 -19.72 26.41
N ARG A 659 22.45 -18.66 26.14
CA ARG A 659 22.26 -17.39 26.82
C ARG A 659 21.11 -16.58 26.21
N ASP A 660 20.35 -17.19 25.29
CA ASP A 660 19.13 -16.60 24.74
C ASP A 660 19.41 -15.27 24.03
N SER A 661 20.55 -15.18 23.36
CA SER A 661 20.94 -13.93 22.72
C SER A 661 20.17 -13.65 21.42
N ILE A 662 19.59 -14.67 20.80
CA ILE A 662 18.81 -14.48 19.59
C ILE A 662 17.42 -13.97 19.97
N ALA A 663 17.03 -12.81 19.41
CA ALA A 663 15.86 -12.08 19.88
C ALA A 663 14.86 -11.88 18.75
N VAL A 664 13.58 -12.03 19.09
CA VAL A 664 12.47 -11.74 18.18
C VAL A 664 11.92 -10.38 18.54
N ALA A 665 11.67 -9.54 17.53
CA ALA A 665 11.20 -8.20 17.77
C ALA A 665 10.16 -7.81 16.72
N ALA A 666 9.27 -6.89 17.11
CA ALA A 666 8.26 -6.34 16.23
C ALA A 666 8.23 -4.83 16.42
N PRO A 667 8.36 -4.04 15.36
CA PRO A 667 8.31 -2.58 15.52
C PRO A 667 6.95 -2.12 16.02
N LEU A 668 6.96 -1.01 16.74
CA LEU A 668 5.78 -0.52 17.44
C LEU A 668 5.08 0.54 16.60
N ARG A 669 3.75 0.55 16.66
CA ARG A 669 2.95 1.53 15.91
C ARG A 669 2.45 2.58 16.89
N LEU A 670 3.08 3.74 16.90
CA LEU A 670 2.75 4.79 17.85
C LEU A 670 2.04 5.97 17.21
N ARG A 671 2.28 6.23 15.93
CA ARG A 671 1.70 7.41 15.30
C ARG A 671 0.18 7.31 15.32
N PRO A 672 -0.52 8.26 15.94
CA PRO A 672 -1.98 8.15 16.08
C PRO A 672 -2.71 8.53 14.81
N THR A 673 -2.52 7.73 13.77
CA THR A 673 -3.21 7.88 12.49
C THR A 673 -3.79 6.53 12.09
N GLY A 674 -4.86 6.58 11.32
CA GLY A 674 -5.48 5.37 10.79
C GLY A 674 -6.99 5.51 10.82
N ALA A 675 -7.66 4.37 10.63
CA ALA A 675 -9.11 4.36 10.68
C ALA A 675 -9.57 4.76 12.07
N LEU A 676 -10.39 5.82 12.14
CA LEU A 676 -10.85 6.32 13.43
C LEU A 676 -11.97 5.47 14.01
N HIS A 677 -12.81 4.89 13.15
CA HIS A 677 -13.99 4.15 13.57
C HIS A 677 -14.42 3.24 12.43
N GLU A 678 -15.16 2.19 12.77
CA GLU A 678 -15.66 1.29 11.74
C GLU A 678 -16.55 2.08 10.78
N GLU A 679 -16.75 1.52 9.59
CA GLU A 679 -17.43 2.26 8.52
C GLU A 679 -18.95 2.14 8.55
N THR A 680 -19.51 1.20 9.31
CA THR A 680 -20.95 0.96 9.33
C THR A 680 -21.63 2.04 10.17
N LEU A 681 -22.44 2.88 9.53
CA LEU A 681 -23.34 3.75 10.26
C LEU A 681 -24.48 2.93 10.86
N ARG A 682 -24.98 3.37 12.02
CA ARG A 682 -26.04 2.63 12.70
C ARG A 682 -27.09 3.57 13.28
N ALA A 683 -28.31 3.05 13.35
CA ALA A 683 -29.44 3.82 13.87
C ALA A 683 -29.37 3.86 15.39
N PHE A 684 -29.70 5.01 15.97
CA PHE A 684 -29.72 5.15 17.41
C PHE A 684 -30.91 4.40 18.01
N SER A 685 -30.82 4.15 19.31
CA SER A 685 -31.99 3.78 20.09
C SER A 685 -32.44 5.02 20.86
N GLU A 686 -33.65 4.94 21.42
CA GLU A 686 -34.16 6.02 22.25
C GLU A 686 -34.69 5.48 23.56
N HIS A 687 -34.61 6.31 24.60
CA HIS A 687 -35.03 5.93 25.94
C HIS A 687 -35.52 7.18 26.65
N THR A 688 -36.73 7.11 27.20
CA THR A 688 -37.35 8.29 27.79
C THR A 688 -36.69 8.62 29.13
N VAL A 689 -36.71 9.91 29.49
CA VAL A 689 -36.02 10.35 30.70
C VAL A 689 -36.67 9.73 31.93
N GLY A 690 -37.99 9.54 31.91
CA GLY A 690 -38.69 9.05 33.08
C GLY A 690 -38.57 7.57 33.32
N ALA A 691 -38.30 6.78 32.27
CA ALA A 691 -38.29 5.34 32.41
C ALA A 691 -37.15 4.89 33.33
N ALA A 692 -37.14 3.60 33.62
CA ALA A 692 -36.09 3.01 34.44
C ALA A 692 -34.81 2.86 33.64
N TRP A 693 -33.68 2.98 34.33
CA TRP A 693 -32.37 2.84 33.70
C TRP A 693 -31.59 1.71 34.35
N LYS A 694 -30.94 0.92 33.52
CA LYS A 694 -30.01 -0.11 33.98
C LYS A 694 -28.60 0.26 33.50
N GLY A 695 -27.62 -0.48 34.02
CA GLY A 695 -26.24 -0.11 33.79
C GLY A 695 -25.89 -0.05 32.32
N ALA A 696 -26.35 -1.03 31.55
CA ALA A 696 -26.14 -1.03 30.11
C ALA A 696 -26.74 0.22 29.46
N GLU A 697 -27.95 0.60 29.89
CA GLU A 697 -28.59 1.78 29.29
C GLU A 697 -27.86 3.07 29.61
N LEU A 698 -27.16 3.14 30.75
CA LEU A 698 -26.50 4.39 31.09
C LEU A 698 -25.19 4.55 30.34
N ARG A 699 -24.46 3.44 30.13
CA ARG A 699 -23.26 3.53 29.30
C ARG A 699 -23.62 3.96 27.88
N ARG A 700 -24.80 3.59 27.41
CA ARG A 700 -25.22 3.82 26.03
C ARG A 700 -25.71 5.25 25.78
N ILE A 701 -25.66 6.14 26.77
CA ILE A 701 -26.21 7.48 26.60
C ILE A 701 -25.35 8.25 25.59
N VAL A 702 -25.97 8.75 24.53
CA VAL A 702 -25.22 9.38 23.45
C VAL A 702 -24.71 10.76 23.88
N GLU A 703 -25.62 11.64 24.26
CA GLU A 703 -25.21 13.01 24.52
C GLU A 703 -24.21 13.04 25.67
N PRO A 704 -23.07 13.71 25.52
CA PRO A 704 -22.09 13.71 26.61
C PRO A 704 -22.57 14.46 27.81
N GLU A 705 -23.31 15.54 27.60
CA GLU A 705 -23.80 16.37 28.69
C GLU A 705 -24.99 15.68 29.37
N VAL A 706 -25.87 15.06 28.59
CA VAL A 706 -26.92 14.22 29.17
C VAL A 706 -26.30 13.02 29.90
N TYR A 707 -25.20 12.48 29.36
CA TYR A 707 -24.51 11.39 30.04
C TYR A 707 -24.01 11.82 31.40
N ALA A 708 -23.39 13.00 31.47
CA ALA A 708 -22.95 13.56 32.75
C ALA A 708 -24.12 13.84 33.67
N ALA A 709 -25.29 14.19 33.13
CA ALA A 709 -26.47 14.36 33.95
C ALA A 709 -26.79 13.08 34.71
N PHE A 710 -26.94 11.96 33.97
CA PHE A 710 -27.19 10.67 34.62
C PHE A 710 -25.98 10.17 35.39
N LEU A 711 -24.78 10.63 35.05
CA LEU A 711 -23.61 10.31 35.85
C LEU A 711 -23.75 10.85 37.26
N ALA A 712 -24.31 12.06 37.40
CA ALA A 712 -24.61 12.62 38.71
C ALA A 712 -25.76 11.87 39.40
N LEU A 713 -26.81 11.52 38.64
CA LEU A 713 -27.96 10.83 39.23
C LEU A 713 -27.64 9.45 39.78
N THR A 714 -26.49 8.86 39.44
CA THR A 714 -26.05 7.62 40.06
C THR A 714 -25.02 7.82 41.16
N ASP A 715 -24.31 8.96 41.16
CA ASP A 715 -23.33 9.31 42.18
C ASP A 715 -23.04 10.81 42.08
N PRO A 716 -23.64 11.63 42.94
CA PRO A 716 -23.46 13.08 42.81
C PRO A 716 -22.02 13.55 42.99
N GLY A 717 -21.22 12.83 43.77
CA GLY A 717 -19.84 13.19 43.98
C GLY A 717 -18.85 12.35 43.20
N GLY A 718 -19.31 11.59 42.21
CA GLY A 718 -18.47 10.73 41.41
C GLY A 718 -18.07 11.35 40.09
N ARG A 719 -16.83 11.06 39.68
CA ARG A 719 -16.36 11.47 38.36
C ARG A 719 -16.67 10.46 37.28
N PHE A 720 -16.73 9.17 37.63
CA PHE A 720 -16.88 8.10 36.67
C PHE A 720 -18.06 7.20 37.03
N LEU A 721 -18.53 6.48 36.01
CA LEU A 721 -19.69 5.62 36.15
C LEU A 721 -19.27 4.27 36.75
N LYS A 722 -19.79 3.97 37.93
CA LYS A 722 -19.44 2.76 38.67
C LYS A 722 -20.51 1.69 38.58
N VAL A 723 -21.18 1.55 37.45
CA VAL A 723 -22.31 0.64 37.34
C VAL A 723 -21.88 -0.63 36.61
N SER A 724 -22.61 -1.71 36.89
CA SER A 724 -22.52 -2.95 36.16
C SER A 724 -23.77 -3.10 35.32
N PRO A 725 -23.65 -3.44 34.04
CA PRO A 725 -24.86 -3.57 33.22
C PRO A 725 -25.73 -4.73 33.66
N SER A 726 -26.87 -4.92 32.99
CA SER A 726 -27.80 -6.00 33.33
C SER A 726 -28.27 -5.90 34.78
N GLU A 727 -28.37 -4.67 35.27
CA GLU A 727 -28.81 -4.41 36.64
C GLU A 727 -29.23 -2.96 36.73
N ASP A 728 -30.46 -2.72 37.18
CA ASP A 728 -30.92 -1.34 37.38
C ASP A 728 -30.03 -0.64 38.41
N VAL A 729 -29.74 0.63 38.15
CA VAL A 729 -28.92 1.44 39.05
C VAL A 729 -29.65 2.74 39.33
N LEU A 730 -30.69 3.03 38.54
CA LEU A 730 -31.63 4.09 38.82
C LEU A 730 -33.05 3.56 38.69
N PRO A 731 -33.95 3.95 39.58
CA PRO A 731 -35.33 3.45 39.53
C PRO A 731 -36.14 4.22 38.49
N ALA A 732 -37.39 3.78 38.31
CA ALA A 732 -38.28 4.38 37.32
C ALA A 732 -38.98 5.61 37.88
N ASP A 733 -38.18 6.66 38.09
CA ASP A 733 -38.71 7.93 38.57
C ASP A 733 -39.70 8.48 37.55
N GLU A 734 -40.98 8.52 37.91
CA GLU A 734 -42.00 9.01 36.99
C GLU A 734 -41.74 10.44 36.54
N ASN A 735 -41.07 11.24 37.39
CA ASN A 735 -40.77 12.63 37.08
C ASN A 735 -39.26 12.86 37.22
N ARG A 736 -38.50 12.38 36.24
CA ARG A 736 -37.06 12.60 36.19
C ARG A 736 -36.72 13.72 35.22
N HIS A 737 -35.84 14.62 35.65
CA HIS A 737 -35.46 15.81 34.90
C HIS A 737 -33.95 15.83 34.74
N ILE A 738 -33.49 16.44 33.64
CA ILE A 738 -32.06 16.60 33.40
C ILE A 738 -31.75 18.05 33.01
N VAL A 739 -31.08 18.77 33.91
CA VAL A 739 -30.72 20.16 33.68
C VAL A 739 -29.46 20.22 32.82
N LEU A 740 -29.52 21.00 31.74
CA LEU A 740 -28.43 21.12 30.80
C LEU A 740 -28.20 22.59 30.48
N SER A 741 -27.00 22.87 29.98
CA SER A 741 -26.66 24.23 29.58
C SER A 741 -27.53 24.71 28.43
N ASP A 742 -27.86 23.81 27.50
CA ASP A 742 -28.73 24.18 26.38
C ASP A 742 -30.18 24.32 26.85
N ARG A 743 -30.72 23.25 27.43
CA ARG A 743 -32.09 23.23 27.92
C ARG A 743 -32.29 21.96 28.74
N VAL A 744 -33.29 22.01 29.61
CA VAL A 744 -33.60 20.89 30.50
C VAL A 744 -34.73 20.07 29.88
N LEU A 745 -34.65 18.75 30.04
CA LEU A 745 -35.58 17.84 29.41
C LEU A 745 -36.55 17.31 30.45
N GLY A 746 -37.82 17.28 30.09
CA GLY A 746 -38.85 16.80 30.98
C GLY A 746 -38.95 15.30 30.97
N PRO A 747 -39.68 14.76 31.94
CA PRO A 747 -39.78 13.30 32.06
C PRO A 747 -40.39 12.63 30.84
N ARG A 748 -40.97 13.40 29.92
CA ARG A 748 -41.51 12.88 28.67
C ARG A 748 -40.52 12.97 27.52
N ASP A 749 -39.47 13.79 27.66
CA ASP A 749 -38.45 13.88 26.62
C ASP A 749 -37.63 12.60 26.55
N ARG A 750 -37.08 12.34 25.37
CA ARG A 750 -36.27 11.17 25.11
C ARG A 750 -34.81 11.56 24.90
N VAL A 751 -33.92 10.65 25.29
CA VAL A 751 -32.48 10.81 25.07
C VAL A 751 -32.05 9.70 24.12
N LYS A 752 -31.18 10.04 23.18
CA LYS A 752 -30.70 9.07 22.22
C LYS A 752 -29.60 8.21 22.82
N LEU A 753 -29.66 6.91 22.54
CA LEU A 753 -28.69 5.94 23.03
C LEU A 753 -28.06 5.18 21.87
N PHE A 754 -26.79 4.81 22.05
CA PHE A 754 -26.09 4.01 21.06
C PHE A 754 -26.74 2.62 20.98
N PRO A 755 -26.63 1.95 19.82
CA PRO A 755 -27.45 0.74 19.63
C PRO A 755 -27.09 -0.41 20.55
N ASP A 756 -25.83 -0.53 20.96
CA ASP A 756 -25.35 -1.71 21.65
C ASP A 756 -24.34 -1.31 22.71
N ASP A 757 -24.33 -2.06 23.82
CA ASP A 757 -23.41 -1.78 24.92
C ASP A 757 -21.98 -2.12 24.52
N ARG A 758 -21.43 -1.34 23.60
CA ARG A 758 -20.05 -1.45 23.17
C ARG A 758 -19.54 -0.07 22.81
N GLY A 759 -18.25 0.16 23.07
CA GLY A 759 -17.63 1.44 22.76
C GLY A 759 -17.95 1.97 21.37
N SER A 760 -18.62 3.12 21.32
CA SER A 760 -19.04 3.72 20.06
C SER A 760 -18.96 5.23 20.20
N ILE A 761 -19.05 5.93 19.06
CA ILE A 761 -19.18 7.38 19.02
C ILE A 761 -20.25 7.74 17.99
N ARG A 762 -20.47 9.05 17.81
CA ARG A 762 -21.41 9.57 16.82
C ARG A 762 -20.66 10.25 15.70
N VAL A 763 -20.97 9.87 14.45
CA VAL A 763 -20.42 10.50 13.26
C VAL A 763 -21.55 10.80 12.28
N ARG A 764 -21.65 12.06 11.85
CA ARG A 764 -22.60 12.52 10.84
C ARG A 764 -24.03 12.05 11.15
N GLY A 765 -24.45 12.26 12.39
CA GLY A 765 -25.78 11.87 12.80
C GLY A 765 -26.03 10.39 12.92
N GLY A 766 -24.97 9.58 13.06
CA GLY A 766 -25.12 8.15 13.21
C GLY A 766 -24.20 7.61 14.29
N ALA A 767 -24.44 6.36 14.67
CA ALA A 767 -23.57 5.65 15.61
C ALA A 767 -22.61 4.73 14.86
N ALA A 768 -21.34 4.75 15.30
CA ALA A 768 -20.28 3.94 14.73
C ALA A 768 -19.45 3.30 15.83
N TYR A 769 -19.21 2.00 15.73
CA TYR A 769 -18.33 1.33 16.68
C TYR A 769 -16.92 1.92 16.63
N ILE A 770 -16.22 1.86 17.76
CA ILE A 770 -14.84 2.31 17.80
C ILE A 770 -13.97 1.43 16.90
N ALA A 771 -12.81 1.97 16.51
CA ALA A 771 -11.82 1.19 15.79
C ALA A 771 -11.17 0.20 16.76
N SER A 772 -10.27 -0.63 16.23
CA SER A 772 -9.44 -1.43 17.11
C SER A 772 -8.54 -0.52 17.96
N PHE A 773 -8.11 -1.04 19.10
CA PHE A 773 -7.48 -0.20 20.13
C PHE A 773 -6.08 0.23 19.70
N HIS A 774 -5.85 1.56 19.68
CA HIS A 774 -4.53 2.08 19.33
C HIS A 774 -3.47 1.65 20.32
N HIS A 775 -3.79 1.66 21.61
CA HIS A 775 -2.85 1.22 22.63
C HIS A 775 -3.65 0.86 23.88
N ALA A 776 -2.95 0.65 24.98
CA ALA A 776 -3.60 0.43 26.26
C ALA A 776 -2.82 1.14 27.35
N ARG A 777 -3.54 1.68 28.33
CA ARG A 777 -2.94 2.30 29.50
C ARG A 777 -3.04 1.36 30.68
N VAL A 778 -1.92 1.16 31.37
CA VAL A 778 -1.79 0.18 32.43
C VAL A 778 -1.90 0.92 33.75
N PHE A 779 -3.00 0.70 34.47
CA PHE A 779 -3.20 1.28 35.79
C PHE A 779 -2.94 0.25 36.87
N ARG A 780 -2.54 0.71 38.05
CA ARG A 780 -2.51 -0.25 39.15
C ARG A 780 -2.83 0.45 40.46
N TRP A 781 -3.14 -0.38 41.45
CA TRP A 781 -3.51 0.08 42.78
C TRP A 781 -3.19 -1.06 43.73
N GLY A 782 -3.42 -0.81 45.01
CA GLY A 782 -3.18 -1.83 46.01
C GLY A 782 -1.79 -1.78 46.60
N SER A 783 -1.49 -2.83 47.35
CA SER A 783 -0.24 -2.89 48.10
C SER A 783 0.95 -2.94 47.14
N SER A 784 2.13 -2.66 47.68
CA SER A 784 3.34 -2.80 46.89
C SER A 784 3.60 -4.27 46.59
N HIS A 785 3.51 -5.11 47.62
CA HIS A 785 3.87 -6.52 47.52
C HIS A 785 2.81 -7.38 46.83
N SER A 786 1.53 -6.99 46.86
CA SER A 786 0.48 -7.75 46.19
C SER A 786 -0.57 -6.83 45.61
N PRO A 787 -0.27 -6.18 44.48
CA PRO A 787 -1.21 -5.23 43.88
C PRO A 787 -2.08 -5.83 42.77
N SER A 788 -3.24 -5.21 42.58
CA SER A 788 -4.16 -5.55 41.50
C SER A 788 -3.96 -4.60 40.33
N PHE A 789 -3.80 -5.14 39.11
CA PHE A 789 -3.68 -4.29 37.94
C PHE A 789 -4.88 -4.51 37.02
N ALA A 790 -5.12 -3.54 36.13
CA ALA A 790 -6.16 -3.65 35.10
C ALA A 790 -5.83 -2.69 33.96
N LEU A 791 -6.50 -2.90 32.82
CA LEU A 791 -6.21 -2.18 31.58
C LEU A 791 -7.34 -1.22 31.19
N LEU A 792 -6.95 -0.06 30.67
CA LEU A 792 -7.86 0.89 30.03
C LEU A 792 -7.58 0.88 28.53
N ARG A 793 -8.55 0.37 27.76
CA ARG A 793 -8.36 0.07 26.35
C ARG A 793 -8.69 1.31 25.51
N VAL A 794 -7.65 1.95 24.99
CA VAL A 794 -7.76 3.25 24.32
C VAL A 794 -7.82 3.03 22.81
N SER A 795 -8.79 3.66 22.15
CA SER A 795 -9.01 3.52 20.71
C SER A 795 -8.68 4.84 20.01
N LEU A 796 -8.63 4.80 18.68
CA LEU A 796 -8.46 6.05 17.93
C LEU A 796 -9.68 6.94 18.06
N ALA A 797 -10.86 6.36 18.28
CA ALA A 797 -12.07 7.16 18.49
C ALA A 797 -11.96 8.01 19.74
N ASP A 798 -11.34 7.47 20.80
CA ASP A 798 -11.11 8.22 22.03
C ASP A 798 -10.31 9.50 21.78
N LEU A 799 -9.19 9.38 21.06
CA LEU A 799 -8.34 10.53 20.79
C LEU A 799 -9.06 11.61 19.99
N ALA A 800 -9.99 11.23 19.11
CA ALA A 800 -10.71 12.22 18.31
C ALA A 800 -11.64 13.06 19.18
N VAL A 801 -12.59 12.41 19.85
CA VAL A 801 -13.62 13.15 20.57
C VAL A 801 -13.00 13.88 21.75
N ALA A 802 -11.98 13.30 22.39
CA ALA A 802 -11.25 14.05 23.41
C ALA A 802 -10.35 15.11 22.80
N GLY A 803 -10.39 15.28 21.49
CA GLY A 803 -9.62 16.33 20.83
C GLY A 803 -8.16 16.32 21.15
N LEU A 804 -7.57 15.13 21.28
CA LEU A 804 -6.16 14.97 21.63
C LEU A 804 -5.28 14.68 20.43
N LEU A 805 -5.71 15.08 19.24
CA LEU A 805 -4.95 14.85 18.02
C LEU A 805 -4.12 16.05 17.61
N ARG A 806 -4.20 17.15 18.35
CA ARG A 806 -3.40 18.33 18.07
C ARG A 806 -1.92 18.03 18.28
N ASP A 807 -1.07 18.82 17.63
CA ASP A 807 0.37 18.69 17.83
C ASP A 807 0.70 18.94 19.30
N GLY A 808 1.82 18.37 19.74
CA GLY A 808 2.25 18.62 21.10
C GLY A 808 1.47 17.85 22.15
N VAL A 809 0.81 16.76 21.77
CA VAL A 809 0.09 15.92 22.70
C VAL A 809 0.90 14.64 22.91
N ASP A 810 0.93 14.17 24.14
CA ASP A 810 1.31 12.78 24.40
C ASP A 810 0.03 11.96 24.35
N VAL A 811 -0.04 11.04 23.38
CA VAL A 811 -1.25 10.28 23.12
C VAL A 811 -1.49 9.19 24.17
N PHE A 812 -0.44 8.79 24.89
CA PHE A 812 -0.54 7.72 25.87
C PHE A 812 -0.84 8.21 27.29
N THR A 813 -0.50 9.46 27.60
CA THR A 813 -0.66 10.00 28.94
C THR A 813 -1.40 11.35 28.87
N ALA A 814 -2.72 11.28 28.95
CA ALA A 814 -3.56 12.49 28.97
C ALA A 814 -4.94 12.07 29.44
N GLU A 815 -5.41 12.62 30.57
CA GLU A 815 -6.68 12.18 31.14
C GLU A 815 -7.76 12.18 30.07
N LEU A 816 -8.35 11.05 29.86
CA LEU A 816 -9.44 10.95 28.92
C LEU A 816 -10.75 11.26 29.63
N PRO A 817 -11.56 12.19 29.12
CA PRO A 817 -12.79 12.55 29.80
C PRO A 817 -13.65 11.34 30.09
N PRO A 818 -14.47 11.39 31.14
CA PRO A 818 -15.24 10.20 31.53
C PRO A 818 -16.27 9.79 30.50
N TRP A 819 -16.67 10.67 29.60
CA TRP A 819 -17.65 10.31 28.59
C TRP A 819 -17.05 9.52 27.43
N THR A 820 -15.72 9.49 27.30
CA THR A 820 -15.11 8.75 26.21
C THR A 820 -15.35 7.25 26.36
N PRO A 821 -15.50 6.53 25.23
CA PRO A 821 -15.81 5.10 25.30
C PRO A 821 -14.79 4.28 26.07
N ALA A 822 -13.54 4.72 26.11
CA ALA A 822 -12.53 4.00 26.88
C ALA A 822 -13.00 3.81 28.32
N TRP A 823 -13.44 4.90 28.95
CA TRP A 823 -13.92 4.82 30.32
C TRP A 823 -15.28 4.15 30.40
N ARG A 824 -16.12 4.32 29.38
CA ARG A 824 -17.47 3.76 29.44
C ARG A 824 -17.45 2.24 29.58
N TYR A 825 -16.43 1.58 29.03
CA TYR A 825 -16.38 0.12 29.06
C TYR A 825 -15.13 -0.41 29.75
N ALA A 826 -14.54 0.38 30.64
CA ALA A 826 -13.42 -0.09 31.44
C ALA A 826 -13.90 -1.09 32.49
N SER A 827 -12.93 -1.82 33.07
CA SER A 827 -13.22 -2.74 34.16
C SER A 827 -13.85 -1.99 35.33
N ILE A 828 -14.93 -2.56 35.87
CA ILE A 828 -15.67 -1.88 36.94
C ILE A 828 -14.77 -1.74 38.17
N ALA A 829 -13.99 -2.77 38.50
CA ALA A 829 -12.98 -2.65 39.53
C ALA A 829 -11.96 -1.56 39.19
N LEU A 830 -11.53 -1.50 37.94
CA LEU A 830 -10.59 -0.45 37.52
C LEU A 830 -11.17 0.94 37.73
N VAL A 831 -12.42 1.15 37.35
CA VAL A 831 -12.99 2.49 37.40
C VAL A 831 -13.32 2.87 38.84
N LYS A 832 -13.58 1.89 39.70
CA LYS A 832 -13.83 2.18 41.11
C LYS A 832 -12.56 2.60 41.83
N ALA A 833 -11.43 1.96 41.52
CA ALA A 833 -10.17 2.28 42.17
C ALA A 833 -9.57 3.60 41.68
N VAL A 834 -9.77 3.95 40.41
CA VAL A 834 -9.21 5.21 39.90
C VAL A 834 -10.03 6.38 40.38
N GLU A 835 -11.33 6.18 40.60
CA GLU A 835 -12.16 7.25 41.12
C GLU A 835 -11.82 7.53 42.58
N SER A 836 -11.41 6.51 43.30
CA SER A 836 -10.86 6.55 44.64
C SER A 836 -9.43 7.09 44.69
N GLY A 837 -8.82 7.68 43.65
CA GLY A 837 -7.46 8.14 43.75
C GLY A 837 -6.42 7.05 43.83
N ASP A 838 -6.83 5.78 43.92
CA ASP A 838 -5.93 4.67 44.21
C ASP A 838 -5.18 4.20 42.96
N ALA A 839 -5.84 4.19 41.81
CA ALA A 839 -5.21 3.71 40.59
C ALA A 839 -4.50 4.85 39.89
N LYS A 840 -3.27 4.60 39.47
CA LYS A 840 -2.43 5.59 38.82
C LYS A 840 -1.92 4.97 37.54
N GLN A 841 -1.70 5.80 36.52
CA GLN A 841 -1.13 5.26 35.30
C GLN A 841 0.33 4.90 35.54
N VAL A 842 0.65 3.63 35.30
CA VAL A 842 1.97 3.11 35.59
C VAL A 842 2.79 2.85 34.34
N GLY A 843 2.16 2.44 33.25
CA GLY A 843 2.83 2.29 31.98
C GLY A 843 1.80 2.27 30.87
N TRP A 844 2.27 1.95 29.66
CA TRP A 844 1.36 1.67 28.56
C TRP A 844 1.89 0.49 27.75
N LEU A 845 0.98 -0.34 27.28
CA LEU A 845 1.28 -1.42 26.35
C LEU A 845 0.70 -1.12 24.98
N VAL A 846 1.35 -1.68 23.96
CA VAL A 846 0.98 -1.45 22.56
C VAL A 846 1.11 -2.77 21.81
N PRO A 847 0.27 -2.98 20.79
CA PRO A 847 0.37 -4.24 20.04
C PRO A 847 1.76 -4.41 19.46
N GLY A 848 2.43 -5.50 19.83
CA GLY A 848 3.70 -5.88 19.27
C GLY A 848 4.86 -5.94 20.25
N ASP A 849 4.76 -5.34 21.42
CA ASP A 849 5.93 -5.38 22.30
C ASP A 849 5.93 -6.67 23.13
N GLU A 850 7.05 -6.90 23.78
CA GLU A 850 7.46 -8.22 24.25
C GLU A 850 7.13 -8.40 25.73
N LEU A 851 6.72 -9.62 26.09
CA LEU A 851 6.54 -9.99 27.49
C LEU A 851 7.55 -11.10 27.81
N ASP A 852 8.63 -10.74 28.50
CA ASP A 852 9.61 -11.71 28.98
C ASP A 852 9.33 -11.99 30.45
N PHE A 853 8.85 -13.19 30.75
CA PHE A 853 8.56 -13.55 32.13
C PHE A 853 9.80 -14.00 32.88
N GLY A 854 10.99 -13.82 32.30
CA GLY A 854 12.24 -14.20 32.93
C GLY A 854 12.34 -15.70 33.16
N PRO A 855 13.47 -16.14 33.73
CA PRO A 855 13.60 -17.56 34.08
C PRO A 855 12.49 -18.07 35.00
N GLU A 856 11.72 -17.17 35.61
CA GLU A 856 10.54 -17.58 36.37
C GLU A 856 9.52 -18.26 35.48
N GLY A 857 9.32 -17.74 34.26
CA GLY A 857 8.36 -18.28 33.33
C GLY A 857 6.91 -17.98 33.71
N VAL A 858 6.01 -18.55 32.93
CA VAL A 858 4.58 -18.47 33.23
C VAL A 858 4.29 -19.36 34.43
N THR A 859 3.89 -18.75 35.54
CA THR A 859 3.59 -19.52 36.75
C THR A 859 2.11 -19.80 36.94
N THR A 860 1.24 -18.88 36.53
CA THR A 860 -0.19 -19.03 36.72
C THR A 860 -0.80 -19.88 35.61
N ALA A 861 -0.03 -20.85 35.11
CA ALA A 861 -0.50 -21.72 34.06
C ALA A 861 -1.70 -22.55 34.52
N ALA A 862 -2.67 -22.69 33.63
CA ALA A 862 -3.88 -23.48 33.90
C ALA A 862 -4.55 -23.84 32.59
N GLY A 863 -5.11 -25.05 32.55
CA GLY A 863 -5.86 -25.50 31.39
C GLY A 863 -5.01 -25.92 30.21
N ASP A 864 -5.49 -25.61 28.99
CA ASP A 864 -4.77 -25.99 27.78
C ASP A 864 -3.37 -25.38 27.72
N LEU A 865 -3.14 -24.26 28.40
CA LEU A 865 -1.80 -23.68 28.46
C LEU A 865 -0.83 -24.63 29.13
N SER A 866 -1.26 -25.31 30.19
CA SER A 866 -0.38 -26.22 30.92
C SER A 866 0.23 -27.26 29.98
N MET A 867 -0.62 -28.07 29.34
CA MET A 867 -0.13 -29.06 28.40
C MET A 867 0.55 -28.41 27.19
N PHE A 868 0.31 -27.13 26.93
CA PHE A 868 1.03 -26.44 25.87
C PHE A 868 2.50 -26.26 26.24
N LEU A 869 2.78 -25.77 27.44
CA LEU A 869 4.15 -25.48 27.83
C LEU A 869 4.97 -26.74 28.03
N LYS A 870 4.33 -27.89 28.24
CA LYS A 870 5.07 -29.15 28.30
C LYS A 870 5.78 -29.45 26.99
N TYR A 871 5.22 -29.00 25.86
CA TYR A 871 5.79 -29.29 24.55
C TYR A 871 6.43 -28.07 23.91
N PHE A 872 5.99 -26.87 24.27
CA PHE A 872 6.57 -25.63 23.75
C PHE A 872 6.84 -24.73 24.95
N PRO A 873 8.04 -24.78 25.52
CA PRO A 873 8.33 -24.08 26.79
C PRO A 873 8.62 -22.61 26.55
N GLU A 874 7.57 -21.88 26.17
CA GLU A 874 7.71 -20.49 25.74
C GLU A 874 7.59 -19.51 26.90
N ARG A 875 8.57 -18.61 26.99
CA ARG A 875 8.62 -17.57 28.01
C ARG A 875 8.40 -16.17 27.46
N HIS A 876 8.55 -15.97 26.16
CA HIS A 876 8.40 -14.66 25.54
C HIS A 876 7.12 -14.62 24.71
N TRP A 877 6.27 -13.64 24.99
CA TRP A 877 4.96 -13.53 24.39
C TRP A 877 4.80 -12.12 23.84
N VAL A 878 3.86 -11.96 22.90
CA VAL A 878 3.62 -10.68 22.24
C VAL A 878 2.15 -10.31 22.34
N VAL A 879 1.88 -9.02 22.55
CA VAL A 879 0.51 -8.53 22.70
C VAL A 879 -0.10 -8.35 21.32
N THR A 880 -1.26 -8.96 21.10
CA THR A 880 -1.93 -8.93 19.81
C THR A 880 -3.27 -8.23 19.86
N GLY A 881 -3.84 -8.06 21.04
CA GLY A 881 -5.17 -7.49 21.17
C GLY A 881 -5.57 -7.44 22.63
N PHE A 882 -6.74 -6.88 22.86
CA PHE A 882 -7.29 -6.66 24.19
C PHE A 882 -8.75 -7.10 24.17
N GLU A 883 -8.98 -8.37 24.51
CA GLU A 883 -10.25 -9.01 24.22
C GLU A 883 -11.40 -8.31 24.96
N ASP A 884 -11.22 -8.03 26.25
CA ASP A 884 -12.21 -7.27 27.00
C ASP A 884 -11.47 -6.39 28.01
N ASP A 885 -12.23 -5.70 28.85
CA ASP A 885 -11.64 -4.82 29.85
C ASP A 885 -10.88 -5.58 30.93
N LYS A 886 -10.87 -6.92 30.86
CA LYS A 886 -10.27 -7.74 31.89
C LYS A 886 -9.25 -8.71 31.35
N ARG A 887 -9.11 -8.84 30.03
CA ARG A 887 -8.22 -9.81 29.42
C ARG A 887 -7.32 -9.16 28.37
N ILE A 888 -6.23 -9.85 28.06
CA ILE A 888 -5.24 -9.39 27.09
C ILE A 888 -4.84 -10.59 26.23
N ASN A 889 -4.61 -10.35 24.95
CA ASN A 889 -4.36 -11.41 23.98
C ASN A 889 -2.87 -11.53 23.69
N LEU A 890 -2.33 -12.73 23.87
CA LEU A 890 -0.90 -13.00 23.70
C LEU A 890 -0.68 -14.21 22.79
N LYS A 891 0.23 -14.05 21.84
CA LYS A 891 0.75 -15.16 21.07
C LYS A 891 2.22 -15.36 21.42
N PRO A 892 2.76 -16.57 21.26
CA PRO A 892 4.18 -16.76 21.59
C PRO A 892 5.07 -16.04 20.60
N ALA A 893 6.18 -15.50 21.12
CA ALA A 893 7.04 -14.64 20.33
C ALA A 893 7.90 -15.40 19.33
N PHE A 894 8.22 -16.66 19.62
CA PHE A 894 9.19 -17.39 18.82
C PHE A 894 8.58 -18.25 17.73
N LEU A 895 7.29 -18.56 17.81
CA LEU A 895 6.63 -19.43 16.85
C LEU A 895 5.95 -18.61 15.77
N SER A 896 5.85 -19.21 14.58
CA SER A 896 5.25 -18.56 13.42
C SER A 896 3.80 -18.96 13.27
N ALA A 897 2.96 -17.99 12.92
CA ALA A 897 1.55 -18.29 12.69
C ALA A 897 1.37 -19.15 11.45
N GLU A 898 2.21 -18.93 10.43
CA GLU A 898 2.03 -19.62 9.16
C GLU A 898 2.27 -21.13 9.29
N GLN A 899 3.27 -21.53 10.07
CA GLN A 899 3.55 -22.96 10.22
C GLN A 899 2.40 -23.67 10.93
N ALA A 900 1.89 -23.09 12.02
CA ALA A 900 0.80 -23.70 12.76
C ALA A 900 -0.54 -23.56 12.05
N GLU A 901 -0.73 -22.55 11.20
CA GLU A 901 -1.97 -22.48 10.44
C GLU A 901 -2.06 -23.63 9.45
N VAL A 902 -0.95 -23.96 8.78
CA VAL A 902 -0.88 -25.16 7.97
C VAL A 902 -1.29 -26.38 8.80
N LEU A 903 -0.79 -26.46 10.04
CA LEU A 903 -1.12 -27.57 10.93
C LEU A 903 -2.62 -27.69 11.16
N ARG A 904 -3.30 -26.56 11.40
CA ARG A 904 -4.74 -26.62 11.63
C ARG A 904 -5.47 -27.20 10.44
N THR A 905 -5.07 -26.82 9.23
CA THR A 905 -5.64 -27.43 8.04
C THR A 905 -5.20 -28.88 7.85
N GLU A 906 -4.09 -29.28 8.49
CA GLU A 906 -3.60 -30.64 8.33
C GLU A 906 -4.45 -31.66 9.09
N ARG A 907 -4.80 -31.37 10.34
CA ARG A 907 -5.52 -32.34 11.15
C ARG A 907 -6.96 -32.53 10.72
N SER A 908 -7.56 -31.53 10.07
CA SER A 908 -8.94 -31.65 9.62
C SER A 908 -9.11 -32.42 8.31
N ASP A 909 -8.05 -32.64 7.54
CA ASP A 909 -8.15 -33.40 6.29
C ASP A 909 -7.39 -34.71 6.29
N ARG A 910 -6.24 -34.77 6.96
CA ARG A 910 -5.49 -36.01 7.16
C ARG A 910 -5.15 -36.10 8.63
N PRO A 911 -6.00 -36.71 9.44
CA PRO A 911 -5.71 -36.77 10.87
C PRO A 911 -4.59 -37.77 11.11
N ASP A 912 -4.16 -37.94 12.36
CA ASP A 912 -3.20 -38.97 12.76
C ASP A 912 -1.82 -38.74 12.15
N THR A 913 -1.67 -37.74 11.28
CA THR A 913 -0.41 -37.46 10.57
C THR A 913 0.34 -36.30 11.21
N LEU A 914 0.26 -36.20 12.53
CA LEU A 914 0.97 -35.18 13.29
C LEU A 914 1.45 -35.79 14.59
N THR A 915 2.49 -35.20 15.17
CA THR A 915 2.88 -35.58 16.52
C THR A 915 1.86 -35.02 17.50
N GLU A 916 1.72 -35.72 18.63
CA GLU A 916 0.86 -35.24 19.71
C GLU A 916 1.08 -33.75 19.97
N ALA A 917 2.33 -33.29 19.86
CA ALA A 917 2.61 -31.86 19.93
C ALA A 917 1.93 -31.10 18.79
N GLY A 918 1.84 -31.73 17.62
CA GLY A 918 1.10 -31.12 16.52
C GLY A 918 -0.35 -30.83 16.85
N GLU A 919 -1.03 -31.79 17.46
CA GLU A 919 -2.41 -31.56 17.89
C GLU A 919 -2.50 -30.43 18.91
N ILE A 920 -1.55 -30.40 19.85
CA ILE A 920 -1.48 -29.29 20.81
C ILE A 920 -1.42 -27.95 20.10
N LEU A 921 -0.41 -27.79 19.22
CA LEU A 921 -0.18 -26.51 18.56
C LEU A 921 -1.31 -26.14 17.61
N ALA A 922 -1.96 -27.13 17.00
CA ALA A 922 -3.05 -26.85 16.06
C ALA A 922 -4.26 -26.29 16.79
N GLN A 923 -4.62 -26.91 17.92
CA GLN A 923 -5.72 -26.40 18.74
C GLN A 923 -5.36 -25.10 19.45
N PHE A 924 -4.07 -24.76 19.55
CA PHE A 924 -3.66 -23.57 20.28
C PHE A 924 -3.81 -22.28 19.47
N PHE A 925 -3.22 -22.23 18.27
CA PHE A 925 -2.98 -20.96 17.60
C PHE A 925 -4.16 -20.12 17.11
N PRO A 926 -5.32 -20.67 16.72
CA PRO A 926 -6.38 -19.79 16.19
C PRO A 926 -6.63 -18.58 17.06
N ARG A 927 -6.83 -18.78 18.37
CA ARG A 927 -6.98 -17.68 19.30
C ARG A 927 -5.72 -17.42 20.14
N CYS A 928 -4.78 -18.36 20.17
CA CYS A 928 -3.54 -18.26 20.96
C CYS A 928 -3.95 -18.11 22.43
N TRP A 929 -3.49 -17.08 23.14
CA TRP A 929 -3.69 -16.98 24.58
C TRP A 929 -4.61 -15.80 24.88
N ARG A 930 -5.65 -16.07 25.66
CA ARG A 930 -6.68 -15.10 26.02
C ARG A 930 -6.60 -14.86 27.52
N ALA A 931 -5.54 -14.19 27.95
CA ALA A 931 -5.15 -14.15 29.35
C ALA A 931 -5.87 -13.03 30.10
N THR A 932 -6.22 -13.30 31.36
CA THR A 932 -6.76 -12.27 32.24
C THR A 932 -5.65 -11.35 32.72
N VAL A 933 -5.83 -10.05 32.50
CA VAL A 933 -4.76 -9.08 32.75
C VAL A 933 -4.26 -9.19 34.20
N ALA A 934 -5.19 -9.38 35.15
CA ALA A 934 -4.80 -9.58 36.53
C ALA A 934 -3.87 -10.79 36.68
N LYS A 935 -4.14 -11.86 35.93
CA LYS A 935 -3.36 -13.08 36.01
C LYS A 935 -2.07 -13.01 35.19
N VAL A 936 -1.78 -11.87 34.58
CA VAL A 936 -0.57 -11.66 33.78
C VAL A 936 0.36 -10.68 34.46
N LEU A 937 -0.11 -9.47 34.73
CA LEU A 937 0.74 -8.41 35.23
C LEU A 937 1.20 -8.68 36.66
N CYS A 938 0.65 -9.71 37.30
CA CYS A 938 1.00 -10.10 38.65
C CYS A 938 2.31 -10.88 38.72
N HIS A 939 3.23 -10.62 37.80
CA HIS A 939 4.53 -11.27 37.84
C HIS A 939 5.61 -10.23 38.10
N PRO A 940 6.34 -10.33 39.21
CA PRO A 940 7.19 -9.21 39.66
C PRO A 940 8.41 -8.83 38.82
N GLY A 941 9.09 -9.70 38.08
CA GLY A 941 8.77 -11.08 37.76
C GLY A 941 8.79 -11.05 36.24
N LEU A 942 7.89 -10.24 35.71
CA LEU A 942 7.76 -9.98 34.29
C LEU A 942 8.42 -8.66 33.93
N THR A 943 8.93 -8.58 32.70
CA THR A 943 9.41 -7.34 32.12
C THR A 943 8.80 -7.23 30.72
N VAL A 944 8.18 -6.09 30.42
CA VAL A 944 7.80 -5.80 29.04
C VAL A 944 8.97 -5.11 28.36
N ILE A 945 9.47 -5.73 27.30
CA ILE A 945 10.72 -5.32 26.67
C ILE A 945 10.41 -4.53 25.41
N ARG A 946 11.19 -3.46 25.19
CA ARG A 946 11.16 -2.70 23.95
C ARG A 946 12.59 -2.63 23.43
N ARG A 947 12.81 -3.17 22.23
CA ARG A 947 14.17 -3.33 21.73
C ARG A 947 14.62 -2.13 20.89
N THR A 948 15.95 -2.02 20.80
CA THR A 948 16.61 -1.19 19.80
C THR A 948 16.54 -1.86 18.44
N ALA A 949 17.11 -1.20 17.42
CA ALA A 949 17.24 -1.82 16.11
C ALA A 949 18.10 -3.09 16.17
N LEU A 950 19.17 -3.05 16.96
CA LEU A 950 20.04 -4.21 17.12
C LEU A 950 19.41 -5.34 17.93
N GLY A 951 18.19 -5.17 18.42
CA GLY A 951 17.54 -6.25 19.12
C GLY A 951 17.98 -6.41 20.55
N GLN A 952 18.44 -5.33 21.17
CA GLN A 952 18.88 -5.20 22.54
C GLN A 952 17.87 -4.33 23.28
N PRO A 953 17.51 -4.70 24.51
CA PRO A 953 16.47 -3.95 25.23
C PRO A 953 16.96 -2.57 25.64
N ARG A 954 16.11 -1.55 25.40
CA ARG A 954 16.25 -0.27 26.08
C ARG A 954 16.02 -0.42 27.58
N TRP A 955 17.01 -0.01 28.38
CA TRP A 955 16.79 0.24 29.79
C TRP A 955 16.87 1.71 30.15
N ARG A 956 17.63 2.50 29.42
CA ARG A 956 17.79 3.92 29.73
C ARG A 956 16.48 4.66 29.45
N ARG A 957 16.09 5.55 30.37
CA ARG A 957 14.87 6.33 30.17
C ARG A 957 15.13 7.48 29.20
N GLY A 958 15.55 7.12 28.00
CA GLY A 958 15.78 8.09 26.96
C GLY A 958 14.48 8.57 26.35
N HIS A 959 14.62 9.39 25.32
CA HIS A 959 13.46 9.85 24.56
C HIS A 959 12.78 8.73 23.79
N LEU A 960 13.53 7.70 23.40
CA LEU A 960 12.92 6.56 22.76
C LEU A 960 12.16 5.72 23.80
N PRO A 961 11.09 5.02 23.39
CA PRO A 961 10.38 4.14 24.33
C PRO A 961 11.33 3.10 24.92
N TYR A 962 11.02 2.67 26.14
CA TYR A 962 11.94 1.82 26.88
C TYR A 962 11.20 0.73 27.62
N SER A 963 11.94 -0.30 27.99
CA SER A 963 11.38 -1.43 28.71
C SER A 963 11.14 -1.04 30.16
N TRP A 964 10.16 -1.70 30.79
CA TRP A 964 9.84 -1.41 32.18
C TRP A 964 9.19 -2.63 32.81
N ARG A 965 8.99 -2.55 34.13
CA ARG A 965 8.43 -3.65 34.90
C ARG A 965 7.06 -3.20 35.41
N PRO A 966 5.97 -3.86 35.04
CA PRO A 966 4.66 -3.44 35.57
C PRO A 966 4.56 -3.56 37.08
N TRP A 967 5.26 -4.53 37.67
CA TRP A 967 5.17 -4.77 39.10
C TRP A 967 5.68 -3.60 39.91
N SER A 968 6.90 -3.13 39.60
CA SER A 968 7.55 -2.11 40.41
C SER A 968 7.60 -0.75 39.74
N ALA A 969 6.97 -0.58 38.58
CA ALA A 969 7.03 0.72 37.93
C ALA A 969 6.23 1.75 38.72
N ASP A 970 6.73 2.98 38.73
CA ASP A 970 6.14 4.08 39.45
C ASP A 970 5.87 5.23 38.50
N PRO A 971 4.92 6.11 38.81
CA PRO A 971 4.67 7.24 37.91
C PRO A 971 5.31 8.52 38.41
N TRP A 972 6.06 9.20 37.55
CA TRP A 972 6.73 10.46 37.89
C TRP A 972 5.78 11.47 38.53
#